data_8D3Z
#
_entry.id   8D3Z
#
_cell.length_a   169.982
_cell.length_b   169.982
_cell.length_c   73.960
_cell.angle_alpha   90.000
_cell.angle_beta   90.000
_cell.angle_gamma   120.000
#
_symmetry.space_group_name_H-M   'P 31 2 1'
#
loop_
_entity.id
_entity.type
_entity.pdbx_description
1 polymer 'Galactan synthase'
2 branched 2-acetamido-2-deoxy-beta-D-glucopyranose-(1-4)-2-acetamido-2-deoxy-beta-D-glucopyranose
3 branched alpha-D-mannopyranose-(1-2)-alpha-D-mannopyranose-(1-2)-alpha-D-mannopyranose-(1-3)-[alpha-D-mannopyranose-(1-6)]beta-D-mannopyranose-(1-4)-2-acetamido-2-deoxy-beta-D-glucopyranose-(1-4)-2-acetamido-2-deoxy-beta-D-glucopyranose
4 non-polymer 'MANGANESE (II) ION'
5 non-polymer 2-acetamido-2-deoxy-beta-D-glucopyranose
6 water water
#
_entity_poly.entity_id   1
_entity_poly.type   'polypeptide(L)'
_entity_poly.pdbx_seq_one_letter_code
;GSFTSTSLSDQKYLSSSSSSSSNADPNKRIFQAYGNAAALFVQMGAYRGGPTTFAVVGLASKPIHVFRLPWYKCEWISNN
GSSIRAKAYKMLPDWGYGRVYTVVVVNCTFPVNPNQDNAGGRLMLNAYYDESQRKYEKFTALEELPGSYNESKFRPPYQY
EYLYCGSSLYGNLSASRFREWMAYHAWFFGPSSHFVFHDAGGVSPEVRAALDPWVRAGRATVQDIRGQAEFDGYYYNQFL
VVNDCLHRYRYSANWTFYFDVDEYIYLPEGNTLESVLKDFSNYTQFTIEQNPMSSALCFNDSTQDYPRQWGFEKLLFRES
RTGIRRDRKYAIQAKNAYATGVHMSENVIGKTLHQTETKIRYYHYHNSIQVPGELCREFLPLSAKNNVTWYNGLPYVYDD
NMKKLASTIKDFERNTIGNVQAYS
;
_entity_poly.pdbx_strand_id   A,B
#
loop_
_chem_comp.id
_chem_comp.type
_chem_comp.name
_chem_comp.formula
BMA D-saccharide, beta linking beta-D-mannopyranose 'C6 H12 O6'
MAN D-saccharide, alpha linking alpha-D-mannopyranose 'C6 H12 O6'
MN non-polymer 'MANGANESE (II) ION' 'Mn 2'
NAG D-saccharide, beta linking 2-acetamido-2-deoxy-beta-D-glucopyranose 'C8 H15 N O6'
#
# COMPACT_ATOMS: atom_id res chain seq x y z
N PRO A 26 -11.91 25.60 16.89
CA PRO A 26 -11.58 26.78 16.10
C PRO A 26 -10.55 26.49 15.02
N ASN A 27 -9.44 27.21 15.03
CA ASN A 27 -8.33 26.90 14.13
C ASN A 27 -7.50 25.72 14.62
N LYS A 28 -7.99 24.94 15.59
CA LYS A 28 -7.37 23.68 15.94
C LYS A 28 -7.96 22.61 15.03
N ARG A 29 -7.12 22.11 14.13
CA ARG A 29 -7.57 21.29 13.01
C ARG A 29 -7.69 19.84 13.41
N ILE A 30 -8.70 19.17 12.86
CA ILE A 30 -9.02 17.80 13.22
C ILE A 30 -8.77 16.92 12.00
N PHE A 31 -7.90 15.92 12.16
CA PHE A 31 -7.61 14.97 11.09
C PHE A 31 -8.53 13.78 11.29
N GLN A 32 -9.64 13.76 10.55
CA GLN A 32 -10.73 12.83 10.83
C GLN A 32 -10.81 11.81 9.70
N ALA A 33 -10.76 10.53 10.06
CA ALA A 33 -10.52 9.44 9.12
C ALA A 33 -11.65 8.43 9.13
N TYR A 34 -12.03 7.94 7.95
CA TYR A 34 -13.12 6.98 7.83
C TYR A 34 -12.71 5.83 6.89
N GLY A 35 -13.40 4.70 7.06
CA GLY A 35 -13.22 3.54 6.21
C GLY A 35 -11.96 2.72 6.43
N ASN A 36 -11.90 1.53 5.84
CA ASN A 36 -10.72 0.67 5.93
C ASN A 36 -10.46 0.09 4.55
N ALA A 37 -9.37 0.53 3.92
CA ALA A 37 -8.99 0.07 2.59
C ALA A 37 -7.88 -0.96 2.61
N ALA A 38 -7.42 -1.36 3.80
CA ALA A 38 -6.40 -2.38 3.95
C ALA A 38 -6.27 -2.74 5.43
N ALA A 39 -6.78 -3.91 5.82
CA ALA A 39 -6.41 -4.47 7.10
C ALA A 39 -4.91 -4.71 7.12
N LEU A 40 -4.31 -4.62 8.31
CA LEU A 40 -2.86 -4.80 8.41
C LEU A 40 -2.47 -6.27 8.39
N PHE A 41 -3.39 -7.14 8.82
CA PHE A 41 -3.17 -8.58 8.85
C PHE A 41 -4.51 -9.29 8.73
N VAL A 42 -4.55 -10.36 7.94
CA VAL A 42 -5.73 -11.17 7.75
C VAL A 42 -5.32 -12.61 7.99
N GLN A 43 -5.76 -13.20 9.11
CA GLN A 43 -5.33 -14.55 9.47
C GLN A 43 -6.17 -15.61 8.77
N MET A 44 -5.51 -16.57 8.12
CA MET A 44 -6.17 -17.74 7.58
C MET A 44 -6.06 -18.96 8.50
N GLY A 45 -4.92 -19.14 9.15
CA GLY A 45 -4.69 -20.29 9.98
C GLY A 45 -3.51 -20.06 10.89
N ALA A 46 -3.42 -20.92 11.92
CA ALA A 46 -2.33 -20.88 12.88
C ALA A 46 -2.16 -22.29 13.43
N TYR A 47 -0.93 -22.78 13.42
CA TYR A 47 -0.68 -24.18 13.73
C TYR A 47 0.58 -24.34 14.56
N ARG A 48 0.57 -25.35 15.41
CA ARG A 48 1.79 -25.83 16.01
C ARG A 48 2.52 -26.69 15.00
N GLY A 49 3.79 -26.37 14.76
CA GLY A 49 4.61 -27.13 13.86
C GLY A 49 5.68 -27.94 14.54
N GLY A 50 5.63 -28.08 15.86
CA GLY A 50 6.65 -28.77 16.61
C GLY A 50 6.55 -28.45 18.08
N PRO A 51 7.33 -29.15 18.90
CA PRO A 51 7.27 -28.91 20.35
C PRO A 51 7.53 -27.47 20.73
N THR A 52 8.29 -26.73 19.93
CA THR A 52 8.66 -25.38 20.28
C THR A 52 8.30 -24.33 19.24
N THR A 53 7.61 -24.71 18.16
CA THR A 53 7.52 -23.82 17.01
C THR A 53 6.11 -23.80 16.47
N PHE A 54 5.72 -22.64 15.94
CA PHE A 54 4.39 -22.39 15.42
C PHE A 54 4.50 -21.58 14.13
N ALA A 55 3.42 -21.60 13.34
CA ALA A 55 3.31 -20.77 12.16
C ALA A 55 1.92 -20.16 12.07
N VAL A 56 1.86 -18.87 11.74
CA VAL A 56 0.61 -18.20 11.39
C VAL A 56 0.66 -17.92 9.91
N VAL A 57 -0.40 -18.27 9.19
CA VAL A 57 -0.44 -18.11 7.74
C VAL A 57 -1.57 -17.13 7.42
N GLY A 58 -1.28 -16.14 6.59
CA GLY A 58 -2.27 -15.13 6.30
C GLY A 58 -1.82 -14.10 5.29
N LEU A 59 -2.49 -12.94 5.35
CA LEU A 59 -2.24 -11.82 4.46
C LEU A 59 -1.73 -10.61 5.24
N ALA A 60 -0.87 -9.84 4.59
CA ALA A 60 -0.30 -8.64 5.19
C ALA A 60 -0.41 -7.48 4.23
N SER A 61 -0.59 -6.28 4.80
CA SER A 61 -0.52 -5.04 4.04
C SER A 61 0.94 -4.60 4.02
N LYS A 62 1.51 -4.47 2.82
CA LYS A 62 2.94 -4.17 2.73
C LYS A 62 3.17 -2.67 2.88
N PRO A 63 4.15 -2.24 3.69
CA PRO A 63 4.27 -0.80 3.98
C PRO A 63 4.72 0.03 2.79
N ILE A 64 4.77 1.35 2.99
CA ILE A 64 5.21 2.31 1.98
C ILE A 64 6.07 3.36 2.67
N HIS A 65 7.28 3.58 2.13
CA HIS A 65 8.28 4.46 2.71
C HIS A 65 8.64 4.13 4.16
N VAL A 66 7.63 3.86 5.00
CA VAL A 66 7.88 3.74 6.43
C VAL A 66 8.70 2.49 6.72
N PHE A 67 9.69 2.63 7.61
CA PHE A 67 10.34 1.47 8.20
C PHE A 67 9.28 0.59 8.87
N ARG A 68 9.37 -0.73 8.67
CA ARG A 68 8.58 -1.66 9.47
C ARG A 68 9.51 -2.76 9.98
N LEU A 69 9.93 -2.64 11.24
CA LEU A 69 10.76 -3.67 11.87
C LEU A 69 10.52 -3.60 13.38
N PRO A 70 9.99 -4.68 13.99
CA PRO A 70 9.60 -5.90 13.27
C PRO A 70 8.28 -5.75 12.54
N TRP A 71 8.01 -6.66 11.60
CA TRP A 71 6.64 -6.80 11.12
C TRP A 71 5.76 -7.40 12.21
N TYR A 72 6.31 -8.29 13.02
CA TYR A 72 5.54 -9.08 13.98
C TYR A 72 6.43 -9.44 15.16
N LYS A 73 5.76 -9.80 16.26
CA LYS A 73 6.40 -10.58 17.32
C LYS A 73 5.38 -11.49 17.98
N CYS A 74 5.87 -12.55 18.58
CA CYS A 74 5.05 -13.62 19.10
C CYS A 74 5.25 -13.75 20.59
N GLU A 75 4.16 -13.99 21.31
CA GLU A 75 4.20 -14.38 22.70
C GLU A 75 3.26 -15.55 22.94
N TRP A 76 3.58 -16.29 23.99
CA TRP A 76 2.72 -17.31 24.56
C TRP A 76 2.30 -16.85 25.94
N ILE A 77 1.01 -16.67 26.15
CA ILE A 77 0.48 -16.37 27.47
C ILE A 77 -0.08 -17.66 28.04
N SER A 78 0.56 -18.16 29.10
CA SER A 78 0.08 -19.34 29.79
C SER A 78 -1.24 -19.04 30.48
N ASN A 79 -1.97 -20.11 30.83
CA ASN A 79 -3.28 -19.92 31.47
C ASN A 79 -3.15 -19.21 32.81
N ASN A 80 -2.05 -19.42 33.55
CA ASN A 80 -1.90 -18.79 34.85
C ASN A 80 -1.21 -17.43 34.79
N GLY A 81 -1.16 -16.81 33.60
CA GLY A 81 -0.75 -15.43 33.45
C GLY A 81 0.68 -15.24 33.02
N SER A 82 1.55 -16.22 33.25
CA SER A 82 2.94 -16.09 32.87
C SER A 82 3.09 -16.11 31.35
N SER A 83 3.88 -15.17 30.82
CA SER A 83 4.08 -15.05 29.38
C SER A 83 5.48 -15.51 29.01
N ILE A 84 5.70 -15.64 27.71
CA ILE A 84 7.01 -15.93 27.14
C ILE A 84 6.96 -15.58 25.67
N ARG A 85 7.80 -14.64 25.24
CA ARG A 85 7.85 -14.28 23.82
C ARG A 85 8.88 -15.11 23.07
N ALA A 86 8.57 -15.34 21.81
CA ALA A 86 9.40 -16.11 20.91
C ALA A 86 10.21 -15.18 20.01
N LYS A 87 11.11 -15.76 19.22
CA LYS A 87 11.67 -15.01 18.12
C LYS A 87 10.75 -15.21 16.93
N ALA A 88 10.42 -14.10 16.29
CA ALA A 88 9.48 -14.06 15.18
C ALA A 88 10.22 -13.64 13.92
N TYR A 89 9.99 -14.37 12.84
CA TYR A 89 10.39 -13.86 11.53
C TYR A 89 9.34 -14.29 10.52
N LYS A 90 9.14 -13.44 9.53
CA LYS A 90 8.18 -13.62 8.46
C LYS A 90 8.87 -14.19 7.22
N MET A 91 8.05 -14.70 6.30
CA MET A 91 8.51 -15.05 4.97
C MET A 91 7.46 -14.65 3.96
N LEU A 92 7.91 -14.19 2.80
CA LEU A 92 7.00 -13.77 1.74
C LEU A 92 7.15 -14.74 0.58
N PRO A 93 6.30 -15.75 0.47
CA PRO A 93 6.45 -16.75 -0.60
C PRO A 93 5.95 -16.26 -1.94
N ASP A 94 5.02 -15.30 -1.98
CA ASP A 94 4.55 -14.76 -3.25
C ASP A 94 5.57 -13.77 -3.77
N TRP A 95 5.12 -12.78 -4.54
CA TRP A 95 6.07 -11.90 -5.22
C TRP A 95 6.43 -10.68 -4.38
N GLY A 96 5.59 -10.26 -3.46
CA GLY A 96 5.90 -9.14 -2.59
C GLY A 96 5.64 -7.77 -3.17
N TYR A 97 4.83 -7.67 -4.23
CA TYR A 97 4.43 -6.41 -4.84
C TYR A 97 3.35 -6.69 -5.90
N GLY A 98 2.49 -5.72 -6.21
CA GLY A 98 1.46 -5.94 -7.19
C GLY A 98 0.08 -6.29 -6.63
N ARG A 99 -0.12 -6.19 -5.32
CA ARG A 99 -1.40 -6.45 -4.69
C ARG A 99 -1.51 -5.59 -3.44
N VAL A 100 -2.76 -5.31 -3.03
CA VAL A 100 -2.96 -4.64 -1.75
C VAL A 100 -2.37 -5.49 -0.62
N TYR A 101 -2.59 -6.79 -0.67
CA TYR A 101 -2.09 -7.71 0.34
C TYR A 101 -0.98 -8.56 -0.25
N THR A 102 -0.17 -9.11 0.65
CA THR A 102 0.91 -10.01 0.30
C THR A 102 0.85 -11.20 1.24
N VAL A 103 1.05 -12.40 0.70
CA VAL A 103 0.95 -13.60 1.53
C VAL A 103 2.13 -13.64 2.49
N VAL A 104 1.87 -13.90 3.77
CA VAL A 104 2.89 -13.92 4.80
C VAL A 104 2.73 -15.18 5.63
N VAL A 105 3.86 -15.84 5.92
CA VAL A 105 3.96 -16.89 6.93
C VAL A 105 4.77 -16.33 8.08
N VAL A 106 4.16 -16.23 9.25
CA VAL A 106 4.88 -15.81 10.44
C VAL A 106 5.29 -17.04 11.21
N ASN A 107 6.58 -17.15 11.49
CA ASN A 107 7.19 -18.26 12.20
C ASN A 107 7.53 -17.80 13.62
N CYS A 108 7.07 -18.54 14.62
CA CYS A 108 7.33 -18.24 16.03
C CYS A 108 8.01 -19.45 16.67
N THR A 109 9.23 -19.27 17.15
CA THR A 109 9.97 -20.35 17.78
C THR A 109 10.41 -19.93 19.17
N PHE A 110 10.13 -20.77 20.15
CA PHE A 110 10.33 -20.54 21.57
C PHE A 110 11.56 -21.28 22.06
N PRO A 111 12.21 -20.81 23.14
CA PRO A 111 13.36 -21.55 23.68
C PRO A 111 12.98 -22.82 24.40
N VAL A 112 11.68 -23.10 24.52
CA VAL A 112 11.18 -24.28 25.20
C VAL A 112 9.76 -24.46 24.68
N ASN A 113 9.22 -25.67 24.84
CA ASN A 113 7.79 -25.83 24.59
C ASN A 113 7.06 -24.89 25.54
N PRO A 114 6.41 -23.83 25.04
CA PRO A 114 5.79 -22.86 25.95
C PRO A 114 4.59 -23.44 26.67
N ASN A 115 4.10 -24.58 26.23
CA ASN A 115 3.04 -25.33 26.90
C ASN A 115 3.56 -26.69 27.35
N GLN A 116 4.78 -26.70 27.90
CA GLN A 116 5.41 -27.94 28.33
C GLN A 116 4.52 -28.69 29.32
N ASP A 117 4.17 -28.06 30.43
CA ASP A 117 3.38 -28.77 31.42
C ASP A 117 1.98 -29.14 30.94
N ASN A 118 1.57 -28.72 29.73
CA ASN A 118 0.25 -29.07 29.21
C ASN A 118 -0.88 -28.42 30.03
N ALA A 119 -0.59 -27.26 30.60
CA ALA A 119 -1.61 -26.50 31.31
C ALA A 119 -2.43 -25.61 30.39
N GLY A 120 -2.00 -25.42 29.14
CA GLY A 120 -2.76 -24.63 28.20
C GLY A 120 -2.34 -23.17 28.17
N GLY A 121 -2.77 -22.48 27.12
CA GLY A 121 -2.37 -21.11 26.88
C GLY A 121 -2.76 -20.69 25.48
N ARG A 122 -2.25 -19.54 25.04
CA ARG A 122 -2.55 -19.11 23.69
C ARG A 122 -1.37 -18.39 23.06
N LEU A 123 -1.23 -18.61 21.76
CA LEU A 123 -0.20 -17.95 20.95
C LEU A 123 -0.71 -16.58 20.56
N MET A 124 -0.04 -15.54 21.03
CA MET A 124 -0.38 -14.16 20.69
C MET A 124 0.59 -13.64 19.64
N LEU A 125 0.06 -12.80 18.75
CA LEU A 125 0.81 -12.22 17.65
C LEU A 125 0.59 -10.71 17.61
N ASN A 126 1.65 -9.95 17.34
CA ASN A 126 1.61 -8.50 17.22
C ASN A 126 1.98 -8.08 15.81
N ALA A 127 1.16 -7.23 15.20
CA ALA A 127 1.45 -6.72 13.87
C ALA A 127 1.62 -5.21 13.96
N TYR A 128 2.68 -4.71 13.35
CA TYR A 128 3.07 -3.31 13.40
C TYR A 128 2.83 -2.61 12.07
N TYR A 129 2.48 -1.33 12.17
CA TYR A 129 2.18 -0.54 10.98
C TYR A 129 3.45 0.02 10.37
N ASP A 130 4.40 0.42 11.23
CA ASP A 130 5.69 0.93 10.81
C ASP A 130 6.64 0.84 11.99
N GLU A 131 7.67 1.68 12.00
CA GLU A 131 8.68 1.58 13.04
C GLU A 131 8.38 2.48 14.22
N SER A 132 7.71 3.63 14.02
CA SER A 132 7.33 4.43 15.18
C SER A 132 6.71 3.52 16.25
N GLN A 133 6.26 2.32 15.82
CA GLN A 133 5.80 1.24 16.70
C GLN A 133 4.77 1.75 17.69
N ARG A 134 4.23 2.92 17.33
CA ARG A 134 3.27 3.68 18.10
C ARG A 134 2.02 2.84 18.32
N LYS A 135 1.23 2.69 17.28
CA LYS A 135 0.09 1.80 17.33
C LYS A 135 0.51 0.42 16.85
N TYR A 136 -0.27 -0.58 17.26
CA TYR A 136 0.03 -1.98 17.00
C TYR A 136 -1.25 -2.78 17.17
N GLU A 137 -1.26 -4.00 16.65
CA GLU A 137 -2.41 -4.88 16.75
C GLU A 137 -1.99 -6.19 17.40
N LYS A 138 -2.57 -6.48 18.56
CA LYS A 138 -2.31 -7.70 19.30
C LYS A 138 -3.57 -8.56 19.31
N PHE A 139 -3.40 -9.86 19.07
CA PHE A 139 -4.55 -10.73 18.92
C PHE A 139 -4.14 -12.17 19.12
N THR A 140 -5.13 -13.00 19.45
CA THR A 140 -4.91 -14.41 19.71
C THR A 140 -4.85 -15.17 18.39
N ALA A 141 -3.74 -15.88 18.14
CA ALA A 141 -3.55 -16.62 16.91
C ALA A 141 -4.08 -18.05 17.01
N LEU A 142 -3.76 -18.74 18.09
CA LEU A 142 -4.41 -20.00 18.41
C LEU A 142 -4.43 -20.16 19.91
N GLU A 143 -5.10 -21.21 20.35
CA GLU A 143 -5.26 -21.52 21.77
C GLU A 143 -5.12 -23.02 21.93
N GLU A 144 -4.50 -23.46 23.01
CA GLU A 144 -4.40 -24.88 23.31
C GLU A 144 -5.03 -25.09 24.66
N LEU A 145 -6.07 -25.90 24.70
CA LEU A 145 -6.79 -26.15 25.93
C LEU A 145 -5.95 -27.06 26.82
N PRO A 146 -6.19 -27.03 28.13
CA PRO A 146 -5.42 -27.90 29.04
C PRO A 146 -5.46 -29.37 28.60
N GLY A 147 -4.31 -30.04 28.77
CA GLY A 147 -4.16 -31.44 28.40
C GLY A 147 -4.09 -31.71 26.91
N SER A 148 -4.33 -30.72 26.05
CA SER A 148 -4.48 -30.97 24.63
C SER A 148 -3.18 -31.22 23.89
N TYR A 149 -2.01 -30.94 24.49
CA TYR A 149 -0.75 -31.06 23.75
C TYR A 149 -0.29 -32.52 23.73
N ASN A 150 -0.10 -33.07 22.52
CA ASN A 150 0.26 -34.47 22.28
C ASN A 150 1.61 -34.50 21.56
N GLU A 151 2.68 -34.82 22.30
CA GLU A 151 4.02 -34.84 21.75
C GLU A 151 4.27 -35.99 20.78
N SER A 152 3.41 -36.99 20.77
CA SER A 152 3.60 -38.12 19.88
C SER A 152 3.15 -37.82 18.46
N LYS A 153 2.39 -36.74 18.27
CA LYS A 153 2.00 -36.33 16.94
C LYS A 153 3.15 -35.69 16.16
N PHE A 154 4.32 -35.54 16.78
CA PHE A 154 5.48 -35.02 16.08
C PHE A 154 6.58 -36.08 15.97
N ARG A 155 6.19 -37.35 16.13
CA ARG A 155 7.09 -38.47 16.02
C ARG A 155 6.40 -39.54 15.19
N PRO A 156 7.14 -40.27 14.37
CA PRO A 156 6.53 -41.34 13.57
C PRO A 156 5.97 -42.41 14.47
N PRO A 157 5.00 -43.21 13.99
CA PRO A 157 4.38 -43.08 12.67
C PRO A 157 3.39 -41.95 12.61
N TYR A 158 3.21 -41.39 11.43
CA TYR A 158 2.28 -40.30 11.21
C TYR A 158 0.95 -40.87 10.72
N GLN A 159 0.02 -39.99 10.39
CA GLN A 159 -1.33 -40.44 10.10
C GLN A 159 -1.45 -41.05 8.71
N TYR A 160 -0.67 -40.55 7.76
CA TYR A 160 -0.68 -41.06 6.40
C TYR A 160 0.75 -41.21 5.92
N GLU A 161 0.94 -42.01 4.88
CA GLU A 161 2.22 -41.96 4.21
C GLU A 161 2.28 -40.75 3.28
N TYR A 162 1.20 -40.53 2.52
CA TYR A 162 1.12 -39.47 1.52
C TYR A 162 -0.07 -38.57 1.79
N LEU A 163 0.13 -37.28 1.53
CA LEU A 163 -0.95 -36.32 1.62
C LEU A 163 -0.91 -35.39 0.42
N TYR A 164 -2.07 -35.16 -0.19
CA TYR A 164 -2.22 -34.32 -1.37
C TYR A 164 -2.87 -33.00 -0.96
N CYS A 165 -2.25 -31.87 -1.37
CA CYS A 165 -2.81 -30.52 -1.16
C CYS A 165 -3.34 -30.00 -2.48
N GLY A 166 -4.66 -30.00 -2.63
CA GLY A 166 -5.27 -29.42 -3.81
C GLY A 166 -5.16 -27.91 -3.87
N SER A 167 -5.40 -27.37 -5.06
CA SER A 167 -5.32 -25.92 -5.23
C SER A 167 -6.64 -25.30 -4.80
N SER A 168 -6.78 -23.99 -5.06
CA SER A 168 -8.00 -23.27 -4.75
C SER A 168 -9.01 -23.50 -5.86
N LEU A 169 -10.13 -24.15 -5.55
CA LEU A 169 -11.09 -24.58 -6.56
C LEU A 169 -12.11 -23.47 -6.81
N TYR A 170 -12.14 -22.97 -8.04
CA TYR A 170 -13.10 -21.94 -8.45
C TYR A 170 -13.61 -22.28 -9.85
N GLY A 171 -14.81 -21.80 -10.15
CA GLY A 171 -15.36 -21.92 -11.49
C GLY A 171 -16.38 -23.02 -11.64
N ASN A 172 -16.58 -23.42 -12.90
CA ASN A 172 -17.52 -24.47 -13.27
C ASN A 172 -16.70 -25.71 -13.62
N LEU A 173 -16.50 -26.58 -12.63
CA LEU A 173 -15.63 -27.74 -12.73
C LEU A 173 -16.42 -29.00 -13.08
N SER A 174 -15.82 -29.84 -13.92
CA SER A 174 -16.45 -31.09 -14.34
C SER A 174 -16.44 -32.11 -13.20
N ALA A 175 -17.62 -32.54 -12.76
CA ALA A 175 -17.68 -33.58 -11.75
C ALA A 175 -17.10 -34.89 -12.27
N SER A 176 -17.26 -35.15 -13.57
CA SER A 176 -16.74 -36.36 -14.16
C SER A 176 -15.21 -36.43 -14.06
N ARG A 177 -14.55 -35.27 -14.01
CA ARG A 177 -13.10 -35.31 -13.89
C ARG A 177 -12.69 -35.57 -12.44
N PHE A 178 -13.44 -35.02 -11.49
CA PHE A 178 -13.13 -35.34 -10.10
C PHE A 178 -13.29 -36.84 -9.86
N ARG A 179 -14.36 -37.44 -10.40
CA ARG A 179 -14.51 -38.89 -10.27
C ARG A 179 -13.26 -39.60 -10.78
N GLU A 180 -12.86 -39.29 -12.02
CA GLU A 180 -11.74 -39.98 -12.63
C GLU A 180 -10.42 -39.67 -11.91
N TRP A 181 -10.15 -38.40 -11.65
CA TRP A 181 -8.91 -38.04 -10.98
C TRP A 181 -8.83 -38.69 -9.61
N MET A 182 -9.93 -38.66 -8.88
CA MET A 182 -9.98 -39.23 -7.54
C MET A 182 -9.76 -40.73 -7.59
N ALA A 183 -10.45 -41.42 -8.51
CA ALA A 183 -10.21 -42.86 -8.69
C ALA A 183 -8.75 -43.14 -8.98
N TYR A 184 -8.14 -42.42 -9.92
CA TYR A 184 -6.76 -42.70 -10.28
C TYR A 184 -5.81 -42.53 -9.10
N HIS A 185 -6.03 -41.50 -8.28
CA HIS A 185 -4.99 -41.13 -7.35
C HIS A 185 -5.09 -41.82 -6.02
N ALA A 186 -6.30 -42.18 -5.59
CA ALA A 186 -6.43 -43.19 -4.54
C ALA A 186 -5.71 -44.47 -4.93
N TRP A 187 -5.85 -44.90 -6.19
CA TRP A 187 -5.10 -46.06 -6.65
C TRP A 187 -3.60 -45.77 -6.61
N PHE A 188 -3.20 -44.64 -7.18
CA PHE A 188 -1.79 -44.31 -7.33
C PHE A 188 -1.08 -44.21 -5.99
N PHE A 189 -1.71 -43.60 -5.01
CA PHE A 189 -1.05 -43.38 -3.72
C PHE A 189 -1.29 -44.52 -2.73
N GLY A 190 -2.24 -45.39 -2.98
CA GLY A 190 -2.51 -46.50 -2.10
C GLY A 190 -3.34 -46.07 -0.91
N PRO A 191 -3.63 -47.03 -0.02
CA PRO A 191 -4.54 -46.75 1.11
C PRO A 191 -4.03 -45.70 2.08
N SER A 192 -2.72 -45.60 2.28
CA SER A 192 -2.16 -44.70 3.29
C SER A 192 -1.96 -43.29 2.74
N SER A 193 -3.01 -42.75 2.14
CA SER A 193 -2.96 -41.41 1.60
C SER A 193 -4.29 -40.71 1.82
N HIS A 194 -4.24 -39.39 1.87
CA HIS A 194 -5.38 -38.55 2.14
C HIS A 194 -5.34 -37.40 1.16
N PHE A 195 -6.51 -36.90 0.78
CA PHE A 195 -6.61 -35.81 -0.19
C PHE A 195 -7.35 -34.62 0.41
N VAL A 196 -6.73 -33.45 0.34
CA VAL A 196 -7.30 -32.23 0.89
C VAL A 196 -7.68 -31.32 -0.28
N PHE A 197 -8.96 -30.95 -0.34
CA PHE A 197 -9.44 -30.02 -1.34
C PHE A 197 -9.86 -28.72 -0.66
N HIS A 198 -9.81 -27.64 -1.43
CA HIS A 198 -10.06 -26.29 -0.92
C HIS A 198 -11.16 -25.64 -1.76
N ASP A 199 -12.33 -25.47 -1.16
CA ASP A 199 -13.51 -25.04 -1.88
C ASP A 199 -13.64 -23.52 -1.81
N ALA A 200 -13.36 -22.85 -2.93
CA ALA A 200 -13.52 -21.41 -3.07
C ALA A 200 -14.72 -21.06 -3.95
N GLY A 201 -15.72 -21.93 -4.00
CA GLY A 201 -16.86 -21.79 -4.87
C GLY A 201 -16.89 -22.78 -6.01
N GLY A 202 -15.74 -23.39 -6.33
CA GLY A 202 -15.67 -24.32 -7.44
C GLY A 202 -16.32 -25.66 -7.20
N VAL A 203 -16.49 -26.07 -5.94
CA VAL A 203 -17.09 -27.36 -5.61
C VAL A 203 -18.60 -27.22 -5.76
N SER A 204 -19.13 -27.65 -6.90
CA SER A 204 -20.56 -27.61 -7.16
C SER A 204 -21.22 -28.83 -6.52
N PRO A 205 -22.55 -28.85 -6.45
CA PRO A 205 -23.22 -30.06 -5.92
C PRO A 205 -22.92 -31.28 -6.76
N GLU A 206 -22.74 -31.11 -8.07
CA GLU A 206 -22.29 -32.22 -8.89
C GLU A 206 -20.89 -32.65 -8.49
N VAL A 207 -20.01 -31.69 -8.25
CA VAL A 207 -18.66 -32.04 -7.81
C VAL A 207 -18.69 -32.63 -6.42
N ARG A 208 -19.57 -32.13 -5.56
CA ARG A 208 -19.64 -32.69 -4.20
C ARG A 208 -20.00 -34.16 -4.24
N ALA A 209 -20.95 -34.55 -5.09
CA ALA A 209 -21.33 -35.96 -5.18
C ALA A 209 -20.20 -36.82 -5.73
N ALA A 210 -19.41 -36.30 -6.68
CA ALA A 210 -18.27 -37.06 -7.16
C ALA A 210 -17.25 -37.26 -6.04
N LEU A 211 -17.07 -36.25 -5.20
CA LEU A 211 -16.18 -36.40 -4.07
C LEU A 211 -16.82 -37.15 -2.93
N ASP A 212 -18.14 -37.29 -2.95
CA ASP A 212 -18.85 -37.77 -1.76
C ASP A 212 -18.44 -39.17 -1.32
N PRO A 213 -18.36 -40.19 -2.19
CA PRO A 213 -17.95 -41.51 -1.68
C PRO A 213 -16.57 -41.49 -1.04
N TRP A 214 -15.66 -40.67 -1.57
CA TRP A 214 -14.33 -40.59 -0.98
C TRP A 214 -14.33 -39.82 0.32
N VAL A 215 -15.31 -38.93 0.53
CA VAL A 215 -15.43 -38.26 1.81
C VAL A 215 -15.98 -39.22 2.85
N ARG A 216 -17.08 -39.90 2.51
CA ARG A 216 -17.60 -40.97 3.36
C ARG A 216 -16.53 -42.02 3.66
N ALA A 217 -15.66 -42.30 2.69
CA ALA A 217 -14.61 -43.28 2.98
C ALA A 217 -13.48 -42.72 3.83
N GLY A 218 -13.52 -41.45 4.24
CA GLY A 218 -12.43 -40.91 5.03
C GLY A 218 -11.18 -40.59 4.23
N ARG A 219 -11.24 -40.63 2.91
CA ARG A 219 -10.07 -40.42 2.07
C ARG A 219 -9.91 -38.98 1.61
N ALA A 220 -10.98 -38.18 1.66
CA ALA A 220 -10.92 -36.83 1.15
C ALA A 220 -11.48 -35.86 2.17
N THR A 221 -10.89 -34.67 2.21
CA THR A 221 -11.40 -33.56 2.99
C THR A 221 -11.65 -32.38 2.07
N VAL A 222 -12.81 -31.74 2.25
CA VAL A 222 -13.15 -30.52 1.53
C VAL A 222 -13.22 -29.40 2.54
N GLN A 223 -12.23 -28.52 2.53
CA GLN A 223 -12.30 -27.31 3.35
C GLN A 223 -13.06 -26.21 2.61
N ASP A 224 -13.81 -25.44 3.36
CA ASP A 224 -14.59 -24.33 2.84
C ASP A 224 -13.77 -23.06 3.03
N ILE A 225 -13.17 -22.57 1.94
CA ILE A 225 -12.40 -21.34 1.97
C ILE A 225 -13.14 -20.20 1.25
N ARG A 226 -14.46 -20.32 1.14
CA ARG A 226 -15.26 -19.34 0.41
C ARG A 226 -15.23 -17.93 1.02
N GLY A 227 -14.58 -17.74 2.18
CA GLY A 227 -14.46 -16.38 2.71
C GLY A 227 -13.47 -15.51 1.96
N GLN A 228 -12.46 -16.12 1.35
CA GLN A 228 -11.39 -15.40 0.66
C GLN A 228 -11.91 -14.50 -0.47
N ALA A 229 -13.20 -14.60 -0.83
CA ALA A 229 -13.79 -13.76 -1.84
C ALA A 229 -13.98 -12.32 -1.37
N GLU A 230 -14.00 -12.09 -0.07
CA GLU A 230 -14.04 -10.72 0.44
C GLU A 230 -12.80 -9.95 0.00
N PHE A 231 -11.65 -10.63 -0.06
CA PHE A 231 -10.38 -10.04 -0.44
C PHE A 231 -9.97 -10.40 -1.86
N ASP A 232 -10.88 -10.89 -2.68
CA ASP A 232 -10.48 -11.43 -3.97
C ASP A 232 -10.04 -10.31 -4.89
N GLY A 233 -8.87 -10.48 -5.51
CA GLY A 233 -8.22 -9.42 -6.25
C GLY A 233 -7.24 -8.61 -5.44
N TYR A 234 -7.06 -8.94 -4.15
CA TYR A 234 -6.19 -8.19 -3.27
C TYR A 234 -4.95 -8.98 -2.84
N TYR A 235 -4.78 -10.20 -3.32
CA TYR A 235 -3.59 -11.01 -3.02
C TYR A 235 -3.52 -12.18 -3.99
N TYR A 236 -2.55 -13.07 -3.75
CA TYR A 236 -2.28 -14.22 -4.60
C TYR A 236 -2.97 -15.46 -4.00
N ASN A 237 -4.12 -15.82 -4.57
CA ASN A 237 -5.04 -16.79 -3.96
C ASN A 237 -4.36 -18.15 -3.73
N GLN A 238 -3.63 -18.65 -4.74
CA GLN A 238 -3.06 -19.98 -4.61
C GLN A 238 -1.89 -20.02 -3.65
N PHE A 239 -1.17 -18.91 -3.47
CA PHE A 239 -0.06 -18.89 -2.53
C PHE A 239 -0.53 -19.00 -1.08
N LEU A 240 -1.78 -18.65 -0.81
CA LEU A 240 -2.32 -18.74 0.54
C LEU A 240 -2.73 -20.17 0.87
N VAL A 241 -3.32 -20.88 -0.09
CA VAL A 241 -3.79 -22.25 0.16
C VAL A 241 -2.62 -23.19 0.39
N VAL A 242 -1.56 -23.09 -0.42
CA VAL A 242 -0.47 -24.07 -0.33
C VAL A 242 0.31 -23.93 0.97
N ASN A 243 0.48 -22.69 1.46
CA ASN A 243 1.18 -22.51 2.74
C ASN A 243 0.32 -23.00 3.89
N ASP A 244 -0.97 -22.70 3.85
CA ASP A 244 -1.87 -23.12 4.92
C ASP A 244 -1.92 -24.64 5.01
N CYS A 245 -2.01 -25.31 3.86
CA CYS A 245 -2.04 -26.76 3.82
C CYS A 245 -0.69 -27.33 4.19
N LEU A 246 0.39 -26.65 3.81
CA LEU A 246 1.72 -27.06 4.25
C LEU A 246 1.84 -27.10 5.77
N HIS A 247 1.15 -26.20 6.47
CA HIS A 247 1.32 -26.10 7.91
C HIS A 247 0.21 -26.79 8.69
N ARG A 248 -1.01 -26.75 8.17
CA ARG A 248 -2.08 -27.49 8.82
C ARG A 248 -1.82 -28.98 8.82
N TYR A 249 -1.01 -29.50 7.89
CA TYR A 249 -0.79 -30.92 7.81
C TYR A 249 0.68 -31.30 7.96
N ARG A 250 1.50 -30.40 8.53
CA ARG A 250 2.94 -30.56 8.50
C ARG A 250 3.39 -31.99 8.83
N TYR A 251 2.82 -32.58 9.89
CA TYR A 251 3.23 -33.89 10.36
C TYR A 251 2.16 -34.95 10.16
N SER A 252 1.31 -34.76 9.14
CA SER A 252 0.26 -35.74 8.85
C SER A 252 0.76 -36.86 7.97
N ALA A 253 1.92 -36.68 7.33
CA ALA A 253 2.36 -37.55 6.26
C ALA A 253 3.85 -37.33 6.04
N ASN A 254 4.46 -38.30 5.35
CA ASN A 254 5.87 -38.19 5.06
C ASN A 254 6.12 -37.36 3.81
N TRP A 255 5.24 -37.43 2.82
CA TRP A 255 5.35 -36.63 1.61
C TRP A 255 4.05 -35.88 1.37
N THR A 256 4.17 -34.60 1.02
CA THR A 256 3.04 -33.79 0.61
C THR A 256 3.18 -33.44 -0.86
N PHE A 257 2.14 -33.74 -1.65
CA PHE A 257 2.14 -33.55 -3.09
C PHE A 257 1.26 -32.34 -3.45
N TYR A 258 1.80 -31.42 -4.23
CA TYR A 258 1.05 -30.28 -4.73
C TYR A 258 0.83 -30.43 -6.24
N PHE A 259 -0.43 -30.66 -6.65
CA PHE A 259 -0.78 -30.55 -8.06
C PHE A 259 -2.29 -30.38 -8.20
N ASP A 260 -2.71 -30.10 -9.43
CA ASP A 260 -4.10 -29.84 -9.77
C ASP A 260 -4.79 -31.11 -10.29
N VAL A 261 -6.13 -31.06 -10.37
CA VAL A 261 -6.91 -32.24 -10.68
C VAL A 261 -7.10 -32.45 -12.18
N ASP A 262 -6.55 -31.57 -13.02
CA ASP A 262 -6.34 -31.92 -14.42
C ASP A 262 -4.99 -32.56 -14.64
N GLU A 263 -4.29 -32.93 -13.56
CA GLU A 263 -2.92 -33.43 -13.61
C GLU A 263 -2.84 -34.78 -12.93
N TYR A 264 -2.12 -35.71 -13.55
CA TYR A 264 -2.10 -37.11 -13.13
C TYR A 264 -0.66 -37.55 -12.96
N ILE A 265 -0.26 -37.88 -11.74
CA ILE A 265 1.10 -38.37 -11.51
C ILE A 265 1.27 -39.73 -12.16
N TYR A 266 2.35 -39.91 -12.92
CA TYR A 266 2.61 -41.15 -13.65
C TYR A 266 4.00 -41.65 -13.37
N LEU A 267 4.12 -42.96 -13.18
CA LEU A 267 5.42 -43.59 -13.02
C LEU A 267 5.79 -44.32 -14.31
N PRO A 268 6.68 -43.73 -15.18
CA PRO A 268 7.24 -44.50 -16.30
C PRO A 268 7.74 -45.84 -15.82
N GLU A 269 6.90 -46.86 -16.05
CA GLU A 269 6.77 -47.98 -15.13
C GLU A 269 8.04 -48.84 -15.15
N GLY A 270 8.02 -49.88 -14.33
CA GLY A 270 9.21 -50.43 -13.74
C GLY A 270 9.55 -49.77 -12.42
N ASN A 271 8.62 -48.99 -11.86
CA ASN A 271 8.87 -48.22 -10.66
C ASN A 271 7.59 -48.17 -9.83
N THR A 272 7.59 -48.87 -8.71
CA THR A 272 6.57 -48.62 -7.70
C THR A 272 6.82 -47.25 -7.06
N LEU A 273 5.76 -46.65 -6.51
CA LEU A 273 5.91 -45.32 -5.94
C LEU A 273 6.90 -45.31 -4.78
N GLU A 274 6.88 -46.36 -3.95
CA GLU A 274 7.85 -46.46 -2.86
C GLU A 274 9.28 -46.50 -3.40
N SER A 275 9.53 -47.31 -4.43
CA SER A 275 10.87 -47.39 -5.02
C SER A 275 11.36 -46.04 -5.47
N VAL A 276 10.49 -45.25 -6.10
CA VAL A 276 10.87 -43.91 -6.51
C VAL A 276 11.19 -43.06 -5.30
N LEU A 277 10.30 -43.06 -4.31
CA LEU A 277 10.51 -42.17 -3.18
C LEU A 277 11.73 -42.54 -2.36
N LYS A 278 12.09 -43.84 -2.30
CA LYS A 278 13.29 -44.16 -1.54
C LYS A 278 14.53 -43.64 -2.25
N ASP A 279 14.53 -43.60 -3.59
CA ASP A 279 15.63 -43.02 -4.34
C ASP A 279 15.78 -41.54 -4.04
N PHE A 280 14.70 -40.86 -3.65
CA PHE A 280 14.72 -39.44 -3.35
C PHE A 280 14.67 -39.15 -1.86
N SER A 281 14.85 -40.16 -1.01
CA SER A 281 14.52 -39.99 0.40
C SER A 281 15.41 -38.95 1.07
N ASN A 282 16.63 -38.74 0.58
CA ASN A 282 17.57 -37.76 1.12
C ASN A 282 17.33 -36.34 0.60
N TYR A 283 16.20 -36.09 -0.07
CA TYR A 283 15.87 -34.77 -0.59
C TYR A 283 14.60 -34.27 0.09
N THR A 284 14.60 -33.02 0.54
CA THR A 284 13.43 -32.44 1.18
C THR A 284 12.31 -32.16 0.18
N GLN A 285 12.65 -31.92 -1.09
CA GLN A 285 11.60 -31.75 -2.09
C GLN A 285 12.15 -32.11 -3.44
N PHE A 286 11.26 -32.55 -4.34
CA PHE A 286 11.68 -32.86 -5.69
C PHE A 286 10.60 -32.39 -6.65
N THR A 287 11.01 -31.86 -7.81
CA THR A 287 9.99 -31.41 -8.74
C THR A 287 9.68 -32.50 -9.75
N ILE A 288 8.61 -32.28 -10.52
CA ILE A 288 8.06 -33.27 -11.45
C ILE A 288 7.69 -32.55 -12.74
N GLU A 289 8.22 -33.04 -13.86
CA GLU A 289 8.01 -32.38 -15.12
C GLU A 289 6.72 -32.86 -15.78
N GLN A 290 6.24 -32.05 -16.72
CA GLN A 290 4.90 -32.16 -17.28
C GLN A 290 4.93 -32.82 -18.66
N ASN A 291 3.94 -33.72 -18.90
CA ASN A 291 3.56 -34.18 -20.23
C ASN A 291 2.30 -33.43 -20.63
N PRO A 292 2.37 -32.43 -21.50
CA PRO A 292 1.17 -31.68 -21.86
C PRO A 292 0.32 -32.50 -22.83
N MET A 293 -0.95 -32.67 -22.48
CA MET A 293 -1.90 -33.42 -23.27
C MET A 293 -2.99 -32.50 -23.80
N SER A 294 -3.34 -32.65 -25.08
CA SER A 294 -4.43 -31.88 -25.65
C SER A 294 -5.77 -32.31 -25.04
N SER A 295 -6.62 -31.32 -24.74
CA SER A 295 -7.95 -31.60 -24.19
C SER A 295 -9.04 -31.59 -25.25
N ALA A 296 -8.68 -31.42 -26.53
CA ALA A 296 -9.71 -31.24 -27.55
C ALA A 296 -9.52 -32.21 -28.71
N LEU A 297 -8.91 -33.38 -28.48
CA LEU A 297 -8.25 -34.08 -29.57
C LEU A 297 -8.30 -35.59 -29.37
N CYS A 298 -8.96 -36.29 -30.30
CA CYS A 298 -9.25 -37.71 -30.18
C CYS A 298 -9.10 -38.40 -31.55
N PHE A 299 -9.04 -39.72 -31.51
CA PHE A 299 -9.19 -40.52 -32.72
C PHE A 299 -10.52 -40.19 -33.41
N ASN A 300 -10.52 -40.24 -34.73
CA ASN A 300 -11.77 -40.35 -35.47
C ASN A 300 -12.05 -41.85 -35.59
N ASP A 301 -12.88 -42.36 -34.68
CA ASP A 301 -13.11 -43.79 -34.57
C ASP A 301 -14.52 -44.06 -34.09
N SER A 302 -15.25 -44.89 -34.85
CA SER A 302 -16.61 -45.28 -34.49
C SER A 302 -16.66 -46.52 -33.61
N THR A 303 -15.56 -47.28 -33.52
CA THR A 303 -15.54 -48.44 -32.62
C THR A 303 -15.40 -48.02 -31.17
N GLN A 304 -14.99 -46.79 -30.91
CA GLN A 304 -14.83 -46.31 -29.55
C GLN A 304 -16.09 -45.58 -29.12
N ASP A 305 -16.42 -45.70 -27.83
CA ASP A 305 -17.65 -45.16 -27.25
C ASP A 305 -17.26 -44.01 -26.31
N TYR A 306 -17.04 -42.84 -26.89
CA TYR A 306 -16.35 -41.75 -26.19
C TYR A 306 -17.08 -41.20 -24.97
N PRO A 307 -18.40 -40.95 -25.03
CA PRO A 307 -19.07 -40.39 -23.84
C PRO A 307 -19.00 -41.26 -22.59
N ARG A 308 -18.71 -42.56 -22.71
CA ARG A 308 -18.58 -43.40 -21.52
C ARG A 308 -17.14 -43.72 -21.14
N GLN A 309 -16.16 -43.24 -21.90
CA GLN A 309 -14.75 -43.42 -21.55
C GLN A 309 -14.26 -42.22 -20.74
N TRP A 310 -13.27 -42.48 -19.89
CA TRP A 310 -12.72 -41.42 -19.07
C TRP A 310 -11.79 -40.51 -19.89
N GLY A 311 -11.55 -39.31 -19.34
CA GLY A 311 -10.74 -38.33 -20.05
C GLY A 311 -9.36 -38.84 -20.41
N PHE A 312 -8.64 -39.37 -19.42
CA PHE A 312 -7.29 -39.86 -19.74
C PHE A 312 -7.34 -41.13 -20.60
N GLU A 313 -8.53 -41.69 -20.82
CA GLU A 313 -8.69 -42.85 -21.69
C GLU A 313 -8.85 -42.44 -23.14
N LYS A 314 -9.43 -41.25 -23.40
CA LYS A 314 -9.67 -40.78 -24.76
C LYS A 314 -8.59 -39.87 -25.29
N LEU A 315 -7.95 -39.07 -24.44
CA LEU A 315 -7.08 -37.98 -24.86
C LEU A 315 -5.65 -38.50 -24.90
N LEU A 316 -5.24 -38.94 -26.08
CA LEU A 316 -4.10 -39.83 -26.22
C LEU A 316 -2.95 -39.14 -26.93
N PHE A 317 -2.96 -37.82 -27.01
CA PHE A 317 -2.01 -37.10 -27.84
C PHE A 317 -1.27 -36.04 -27.04
N ARG A 318 0.03 -36.27 -26.88
CA ARG A 318 0.92 -35.39 -26.12
C ARG A 318 1.61 -34.41 -27.06
N GLU A 319 1.65 -33.14 -26.67
CA GLU A 319 2.43 -32.17 -27.44
C GLU A 319 3.91 -32.53 -27.36
N SER A 320 4.58 -32.51 -28.52
CA SER A 320 5.89 -33.15 -28.64
C SER A 320 7.03 -32.16 -28.87
N ARG A 321 6.78 -30.86 -28.70
CA ARG A 321 7.88 -29.91 -28.79
C ARG A 321 8.93 -30.22 -27.72
N THR A 322 10.20 -30.13 -28.09
CA THR A 322 11.30 -30.43 -27.20
C THR A 322 12.04 -29.16 -26.79
N GLY A 323 12.68 -29.21 -25.63
CA GLY A 323 13.39 -28.06 -25.13
C GLY A 323 12.50 -26.87 -24.79
N ILE A 324 11.25 -27.13 -24.40
CA ILE A 324 10.30 -26.08 -24.02
C ILE A 324 10.16 -26.13 -22.51
N ARG A 325 10.52 -25.03 -21.84
CA ARG A 325 10.36 -24.97 -20.40
C ARG A 325 8.89 -24.82 -20.06
N ARG A 326 8.37 -25.76 -19.27
CA ARG A 326 6.98 -25.74 -18.88
C ARG A 326 6.87 -25.81 -17.37
N ASP A 327 5.71 -25.39 -16.86
CA ASP A 327 5.48 -25.41 -15.43
C ASP A 327 5.77 -26.79 -14.87
N ARG A 328 6.23 -26.83 -13.62
CA ARG A 328 6.50 -28.06 -12.89
C ARG A 328 5.57 -28.14 -11.69
N LYS A 329 5.48 -29.33 -11.11
CA LYS A 329 4.84 -29.56 -9.80
C LYS A 329 5.88 -30.22 -8.91
N TYR A 330 5.47 -30.62 -7.70
CA TYR A 330 6.47 -31.11 -6.74
C TYR A 330 5.83 -31.88 -5.60
N ALA A 331 6.69 -32.57 -4.85
CA ALA A 331 6.37 -33.23 -3.61
C ALA A 331 7.38 -32.74 -2.58
N ILE A 332 7.02 -32.79 -1.29
CA ILE A 332 7.84 -32.14 -0.27
C ILE A 332 7.61 -32.83 1.07
N GLN A 333 8.69 -33.00 1.83
CA GLN A 333 8.62 -33.43 3.23
C GLN A 333 8.33 -32.20 4.06
N ALA A 334 7.05 -31.98 4.40
CA ALA A 334 6.67 -30.74 5.05
C ALA A 334 7.37 -30.54 6.38
N LYS A 335 7.83 -31.61 7.02
CA LYS A 335 8.50 -31.45 8.29
C LYS A 335 9.78 -30.63 8.14
N ASN A 336 10.39 -30.63 6.96
CA ASN A 336 11.64 -29.93 6.73
C ASN A 336 11.47 -28.64 5.93
N ALA A 337 10.24 -28.11 5.88
CA ALA A 337 9.93 -26.92 5.10
C ALA A 337 9.22 -25.88 5.97
N TYR A 338 9.37 -24.61 5.59
CA TYR A 338 8.98 -23.46 6.39
C TYR A 338 7.92 -22.59 5.75
N ALA A 339 8.00 -22.43 4.43
CA ALA A 339 6.98 -21.81 3.60
C ALA A 339 7.07 -22.54 2.28
N THR A 340 6.12 -22.31 1.38
CA THR A 340 6.27 -22.88 0.06
C THR A 340 5.63 -21.97 -0.99
N GLY A 341 5.73 -22.39 -2.25
CA GLY A 341 5.09 -21.73 -3.35
C GLY A 341 4.24 -22.70 -4.15
N VAL A 342 3.77 -22.29 -5.33
CA VAL A 342 2.93 -23.19 -6.12
C VAL A 342 3.72 -24.17 -6.98
N HIS A 343 4.98 -23.91 -7.26
CA HIS A 343 5.75 -24.83 -8.09
C HIS A 343 6.90 -25.49 -7.37
N MET A 344 7.27 -24.97 -6.19
CA MET A 344 8.26 -25.57 -5.31
C MET A 344 8.40 -24.66 -4.10
N SER A 345 9.22 -25.03 -3.13
CA SER A 345 9.44 -24.20 -1.97
C SER A 345 10.79 -23.52 -2.08
N GLU A 346 10.86 -22.29 -1.57
CA GLU A 346 12.12 -21.56 -1.47
C GLU A 346 12.59 -21.47 -0.03
N ASN A 347 11.93 -22.23 0.89
CA ASN A 347 12.12 -22.08 2.34
C ASN A 347 12.11 -23.47 2.96
N VAL A 348 13.22 -24.20 2.80
CA VAL A 348 13.35 -25.54 3.35
C VAL A 348 14.73 -25.69 3.98
N ILE A 349 14.87 -26.73 4.76
CA ILE A 349 16.17 -27.27 5.11
C ILE A 349 16.35 -28.56 4.31
N GLY A 350 17.59 -28.85 3.91
CA GLY A 350 17.87 -30.00 3.07
C GLY A 350 17.76 -29.69 1.59
N LYS A 351 18.11 -30.70 0.78
CA LYS A 351 18.35 -30.47 -0.63
C LYS A 351 17.07 -30.58 -1.46
N THR A 352 17.21 -30.34 -2.77
CA THR A 352 16.12 -30.29 -3.73
C THR A 352 16.57 -30.99 -5.01
N LEU A 353 15.67 -31.76 -5.64
CA LEU A 353 16.01 -32.55 -6.81
C LEU A 353 15.13 -32.17 -8.00
N HIS A 354 15.78 -31.87 -9.14
CA HIS A 354 15.06 -31.56 -10.37
C HIS A 354 15.18 -32.63 -11.44
N GLN A 355 16.19 -33.49 -11.41
CA GLN A 355 16.31 -34.52 -12.43
C GLN A 355 15.55 -35.75 -11.94
N THR A 356 14.25 -35.71 -12.20
CA THR A 356 13.29 -36.75 -11.86
C THR A 356 12.57 -37.22 -13.12
N GLU A 357 12.92 -36.66 -14.29
CA GLU A 357 12.27 -36.99 -15.56
C GLU A 357 12.34 -38.48 -15.85
N THR A 358 13.39 -39.16 -15.39
CA THR A 358 13.57 -40.56 -15.74
C THR A 358 12.54 -41.48 -15.08
N LYS A 359 11.95 -41.09 -13.94
CA LYS A 359 11.06 -42.04 -13.27
C LYS A 359 9.75 -41.48 -12.71
N ILE A 360 9.50 -40.18 -12.77
CA ILE A 360 8.19 -39.68 -12.38
C ILE A 360 7.83 -38.44 -13.19
N ARG A 361 6.59 -38.43 -13.68
CA ARG A 361 6.05 -37.31 -14.45
C ARG A 361 4.59 -37.11 -14.07
N TYR A 362 4.01 -36.01 -14.56
CA TYR A 362 2.57 -35.87 -14.49
C TYR A 362 2.02 -35.49 -15.86
N TYR A 363 0.89 -36.10 -16.22
CA TYR A 363 0.16 -35.74 -17.43
C TYR A 363 -0.74 -34.54 -17.15
N HIS A 364 -0.69 -33.54 -18.03
CA HIS A 364 -1.49 -32.32 -17.87
C HIS A 364 -2.52 -32.24 -18.97
N TYR A 365 -3.78 -32.43 -18.61
CA TYR A 365 -4.89 -32.23 -19.54
C TYR A 365 -5.35 -30.80 -19.36
N HIS A 366 -4.67 -29.89 -20.06
CA HIS A 366 -4.87 -28.48 -19.86
C HIS A 366 -6.19 -28.00 -20.45
N ASN A 367 -6.81 -27.03 -19.77
CA ASN A 367 -8.11 -26.48 -20.16
C ASN A 367 -9.14 -27.60 -20.37
N SER A 368 -9.09 -28.61 -19.51
CA SER A 368 -10.02 -29.72 -19.61
C SER A 368 -11.06 -29.71 -18.50
N ILE A 369 -10.89 -28.87 -17.49
CA ILE A 369 -11.62 -29.00 -16.24
C ILE A 369 -12.85 -28.10 -16.26
N GLN A 370 -12.82 -27.00 -17.01
CA GLN A 370 -14.05 -26.23 -17.12
C GLN A 370 -14.96 -26.80 -18.20
N VAL A 371 -14.40 -27.27 -19.30
CA VAL A 371 -15.11 -27.65 -20.52
C VAL A 371 -16.42 -28.37 -20.21
N PRO A 372 -17.55 -27.73 -20.53
CA PRO A 372 -18.83 -28.41 -20.36
C PRO A 372 -19.06 -29.32 -21.56
N GLY A 373 -19.50 -30.53 -21.30
CA GLY A 373 -19.78 -31.45 -22.36
C GLY A 373 -18.60 -32.31 -22.73
N GLU A 374 -18.65 -32.78 -23.97
CA GLU A 374 -17.73 -33.80 -24.45
C GLU A 374 -16.36 -33.17 -24.72
N LEU A 375 -15.31 -33.82 -24.21
CA LEU A 375 -13.96 -33.29 -24.37
C LEU A 375 -13.44 -33.53 -25.78
N CYS A 376 -13.77 -34.68 -26.36
CA CYS A 376 -13.38 -34.94 -27.74
C CYS A 376 -14.05 -33.91 -28.65
N ARG A 377 -13.27 -32.96 -29.16
CA ARG A 377 -13.82 -31.87 -29.92
C ARG A 377 -13.13 -31.65 -31.26
N GLU A 378 -11.98 -32.25 -31.52
CA GLU A 378 -11.49 -32.30 -32.89
C GLU A 378 -10.80 -33.63 -33.17
N PHE A 379 -11.25 -34.28 -34.23
CA PHE A 379 -10.99 -35.69 -34.48
C PHE A 379 -9.90 -35.86 -35.54
N LEU A 380 -9.05 -36.87 -35.33
CA LEU A 380 -7.89 -37.21 -36.14
C LEU A 380 -8.00 -38.62 -36.71
N PRO A 381 -7.43 -38.86 -37.89
CA PRO A 381 -7.42 -40.22 -38.44
C PRO A 381 -6.49 -41.12 -37.66
N LEU A 382 -6.55 -42.42 -37.98
CA LEU A 382 -5.60 -43.35 -37.38
C LEU A 382 -4.17 -43.08 -37.82
N SER A 383 -3.97 -42.31 -38.90
CA SER A 383 -2.62 -41.92 -39.28
C SER A 383 -1.95 -41.05 -38.23
N ALA A 384 -2.71 -40.55 -37.24
CA ALA A 384 -2.14 -39.77 -36.15
C ALA A 384 -1.49 -40.63 -35.08
N LYS A 385 -1.83 -41.93 -35.03
CA LYS A 385 -1.22 -42.82 -34.05
C LYS A 385 0.29 -42.93 -34.27
N ASN A 386 0.75 -42.81 -35.52
CA ASN A 386 2.14 -43.07 -35.85
C ASN A 386 2.87 -41.88 -36.46
N ASN A 387 2.17 -40.89 -36.99
CA ASN A 387 2.82 -39.71 -37.53
C ASN A 387 2.84 -38.61 -36.45
N VAL A 388 3.22 -37.41 -36.83
CA VAL A 388 3.14 -36.23 -35.97
C VAL A 388 1.98 -35.38 -36.43
N THR A 389 1.06 -35.08 -35.52
CA THR A 389 -0.14 -34.32 -35.83
C THR A 389 0.08 -32.84 -35.49
N TRP A 390 -0.48 -31.96 -36.30
CA TRP A 390 -0.41 -30.53 -36.04
C TRP A 390 -1.79 -29.96 -35.73
N TYR A 391 -1.82 -28.98 -34.83
CA TYR A 391 -3.05 -28.33 -34.41
C TYR A 391 -2.64 -27.02 -33.75
N ASN A 392 -3.11 -25.90 -34.31
CA ASN A 392 -2.96 -24.59 -33.68
C ASN A 392 -1.49 -24.20 -33.54
N GLY A 393 -0.69 -24.60 -34.53
CA GLY A 393 0.72 -24.29 -34.55
C GLY A 393 1.61 -25.27 -33.82
N LEU A 394 1.05 -26.16 -33.00
CA LEU A 394 1.85 -27.03 -32.14
C LEU A 394 1.78 -28.48 -32.61
N PRO A 395 2.83 -29.28 -32.39
CA PRO A 395 2.82 -30.68 -32.83
C PRO A 395 2.41 -31.64 -31.73
N TYR A 396 1.90 -32.82 -32.10
CA TYR A 396 1.36 -33.78 -31.16
C TYR A 396 1.67 -35.21 -31.60
N VAL A 397 1.80 -36.11 -30.62
CA VAL A 397 2.20 -37.49 -30.82
C VAL A 397 1.31 -38.39 -29.97
N TYR A 398 1.12 -39.63 -30.41
CA TYR A 398 0.28 -40.59 -29.71
C TYR A 398 0.97 -41.10 -28.45
N ASP A 399 0.25 -41.05 -27.31
CA ASP A 399 0.75 -41.54 -26.03
C ASP A 399 -0.38 -42.27 -25.32
N ASP A 400 -0.21 -43.57 -25.08
CA ASP A 400 -1.25 -44.40 -24.46
C ASP A 400 -0.87 -44.90 -23.07
N ASN A 401 0.15 -44.31 -22.43
CA ASN A 401 0.54 -44.76 -21.10
C ASN A 401 -0.63 -44.71 -20.11
N MET A 402 -1.42 -43.63 -20.17
CA MET A 402 -2.55 -43.48 -19.25
C MET A 402 -3.71 -44.39 -19.64
N LYS A 403 -4.03 -44.50 -20.93
CA LYS A 403 -5.14 -45.33 -21.35
C LYS A 403 -4.93 -46.78 -20.94
N LYS A 404 -3.68 -47.23 -20.96
CA LYS A 404 -3.35 -48.58 -20.54
C LYS A 404 -3.76 -48.84 -19.10
N LEU A 405 -3.88 -47.79 -18.28
CA LEU A 405 -4.25 -47.98 -16.89
C LEU A 405 -5.73 -47.82 -16.62
N ALA A 406 -6.54 -47.57 -17.66
CA ALA A 406 -7.96 -47.25 -17.46
C ALA A 406 -8.73 -48.42 -16.86
N SER A 407 -8.63 -49.60 -17.48
CA SER A 407 -9.40 -50.74 -16.98
C SER A 407 -8.93 -51.13 -15.58
N THR A 408 -7.68 -50.83 -15.25
CA THR A 408 -7.17 -51.09 -13.90
C THR A 408 -7.77 -50.11 -12.88
N ILE A 409 -7.92 -48.84 -13.25
CA ILE A 409 -8.52 -47.86 -12.34
C ILE A 409 -10.01 -48.15 -12.15
N LYS A 410 -10.74 -48.33 -13.27
CA LYS A 410 -12.19 -48.52 -13.19
C LYS A 410 -12.53 -49.70 -12.29
N ASP A 411 -11.76 -50.79 -12.41
CA ASP A 411 -11.84 -51.87 -11.45
C ASP A 411 -11.65 -51.28 -10.06
N PHE A 412 -10.41 -50.86 -9.75
CA PHE A 412 -10.05 -50.32 -8.44
C PHE A 412 -11.15 -49.46 -7.81
N GLU A 413 -11.79 -48.60 -8.62
CA GLU A 413 -12.90 -47.79 -8.14
C GLU A 413 -14.03 -48.67 -7.63
N ARG A 414 -14.42 -49.67 -8.41
CA ARG A 414 -15.53 -50.54 -8.04
C ARG A 414 -15.24 -51.27 -6.74
N ASN A 415 -14.04 -51.81 -6.60
CA ASN A 415 -13.64 -52.52 -5.38
C ASN A 415 -13.60 -51.64 -4.16
N THR A 416 -13.46 -50.33 -4.32
CA THR A 416 -13.16 -49.43 -3.23
C THR A 416 -14.34 -48.55 -2.83
N ILE A 417 -15.12 -48.02 -3.78
CA ILE A 417 -16.28 -47.21 -3.49
C ILE A 417 -17.56 -47.79 -4.07
N GLY A 418 -17.51 -48.98 -4.64
CA GLY A 418 -18.71 -49.63 -5.12
C GLY A 418 -19.04 -49.26 -6.56
N ASN A 419 -20.31 -49.43 -6.90
CA ASN A 419 -20.80 -49.21 -8.26
C ASN A 419 -21.23 -47.76 -8.41
N VAL A 420 -20.29 -46.91 -8.83
CA VAL A 420 -20.68 -45.59 -9.31
C VAL A 420 -21.33 -45.75 -10.67
N GLN A 421 -22.34 -44.93 -10.95
CA GLN A 421 -23.14 -45.12 -12.15
C GLN A 421 -22.49 -44.44 -13.34
N ALA A 422 -23.04 -44.73 -14.53
CA ALA A 422 -22.36 -44.44 -15.78
C ALA A 422 -22.91 -43.22 -16.49
N TYR A 423 -21.99 -42.34 -16.86
CA TYR A 423 -21.59 -42.19 -18.26
C TYR A 423 -20.63 -41.01 -18.37
N SER A 424 -19.47 -41.18 -17.72
CA SER A 424 -18.29 -40.30 -17.88
C SER A 424 -17.13 -40.78 -16.99
N PRO B 26 -16.79 -26.27 11.49
CA PRO B 26 -15.94 -27.44 11.16
C PRO B 26 -14.74 -27.06 10.32
N ASN B 27 -14.65 -27.62 9.11
CA ASN B 27 -13.64 -27.20 8.12
C ASN B 27 -14.01 -25.84 7.55
N LYS B 28 -14.75 -25.03 8.32
CA LYS B 28 -15.27 -23.74 7.86
C LYS B 28 -14.23 -22.68 8.20
N ARG B 29 -13.47 -22.28 7.19
CA ARG B 29 -12.29 -21.44 7.40
C ARG B 29 -12.73 -19.98 7.47
N ILE B 30 -12.68 -19.41 8.67
CA ILE B 30 -12.90 -17.98 8.85
C ILE B 30 -11.62 -17.24 8.51
N PHE B 31 -11.78 -16.03 7.99
CA PHE B 31 -10.68 -15.12 7.80
C PHE B 31 -10.89 -13.95 8.74
N GLN B 32 -9.86 -13.62 9.53
CA GLN B 32 -9.98 -12.65 10.60
C GLN B 32 -9.05 -11.47 10.29
N ALA B 33 -9.65 -10.33 9.97
CA ALA B 33 -8.89 -9.14 9.58
C ALA B 33 -8.66 -8.27 10.80
N TYR B 34 -7.46 -7.68 10.90
CA TYR B 34 -7.11 -6.86 12.05
C TYR B 34 -6.41 -5.60 11.60
N GLY B 35 -6.84 -4.47 12.13
CA GLY B 35 -6.14 -3.23 11.93
C GLY B 35 -6.59 -2.44 10.73
N ASN B 36 -6.01 -1.23 10.63
CA ASN B 36 -6.32 -0.29 9.56
C ASN B 36 -4.99 0.27 9.05
N ALA B 37 -4.34 -0.49 8.17
CA ALA B 37 -3.06 -0.09 7.60
C ALA B 37 -3.17 1.19 6.78
N ALA B 38 -4.36 1.48 6.25
CA ALA B 38 -4.59 2.70 5.49
C ALA B 38 -6.09 2.95 5.45
N ALA B 39 -6.53 4.11 5.92
CA ALA B 39 -7.92 4.47 5.77
C ALA B 39 -8.17 4.93 4.35
N LEU B 40 -9.44 4.92 3.95
CA LEU B 40 -9.77 5.39 2.62
C LEU B 40 -9.43 6.87 2.48
N PHE B 41 -10.11 7.71 3.26
CA PHE B 41 -9.99 9.15 3.16
C PHE B 41 -9.96 9.74 4.56
N VAL B 42 -8.95 10.56 4.82
CA VAL B 42 -8.81 11.33 6.06
C VAL B 42 -9.15 12.78 5.71
N GLN B 43 -10.22 13.30 6.31
CA GLN B 43 -10.60 14.68 6.04
C GLN B 43 -9.95 15.60 7.08
N MET B 44 -9.18 16.58 6.60
CA MET B 44 -8.64 17.63 7.46
C MET B 44 -9.50 18.88 7.43
N GLY B 45 -9.90 19.31 6.24
CA GLY B 45 -10.73 20.49 6.12
C GLY B 45 -11.69 20.36 4.95
N ALA B 46 -12.81 21.07 5.07
CA ALA B 46 -13.75 21.25 3.98
C ALA B 46 -14.11 22.73 3.92
N TYR B 47 -14.08 23.31 2.73
CA TYR B 47 -14.26 24.74 2.58
C TYR B 47 -15.13 25.06 1.37
N ARG B 48 -16.05 26.00 1.55
CA ARG B 48 -16.79 26.53 0.41
C ARG B 48 -15.87 27.40 -0.43
N GLY B 49 -15.68 27.01 -1.69
CA GLY B 49 -14.85 27.77 -2.60
C GLY B 49 -15.64 28.38 -3.76
N GLY B 50 -16.80 28.93 -3.47
CA GLY B 50 -17.62 29.57 -4.48
C GLY B 50 -19.11 29.38 -4.24
N PRO B 51 -19.93 30.08 -5.01
CA PRO B 51 -21.39 29.87 -4.90
C PRO B 51 -21.80 28.47 -5.31
N THR B 52 -21.08 27.85 -6.24
CA THR B 52 -21.46 26.58 -6.82
C THR B 52 -20.51 25.43 -6.50
N THR B 53 -19.31 25.70 -6.00
CA THR B 53 -18.26 24.70 -5.87
C THR B 53 -17.67 24.72 -4.47
N PHE B 54 -17.47 23.53 -3.90
CA PHE B 54 -16.87 23.40 -2.57
C PHE B 54 -15.55 22.63 -2.68
N ALA B 55 -14.92 22.40 -1.53
CA ALA B 55 -13.62 21.77 -1.48
C ALA B 55 -13.51 20.89 -0.24
N VAL B 56 -12.80 19.77 -0.38
CA VAL B 56 -12.44 18.89 0.73
C VAL B 56 -10.98 18.48 0.55
N VAL B 57 -10.09 19.06 1.35
CA VAL B 57 -8.66 18.74 1.32
C VAL B 57 -8.40 17.58 2.27
N GLY B 58 -7.61 16.61 1.82
CA GLY B 58 -7.33 15.47 2.66
C GLY B 58 -6.40 14.49 2.02
N LEU B 59 -6.45 13.26 2.55
CA LEU B 59 -5.50 12.20 2.27
C LEU B 59 -6.20 11.00 1.68
N ALA B 60 -5.61 10.39 0.64
CA ALA B 60 -6.20 9.25 -0.03
C ALA B 60 -5.22 8.10 -0.05
N SER B 61 -5.67 6.91 0.32
CA SER B 61 -4.90 5.71 0.08
C SER B 61 -5.03 5.30 -1.37
N LYS B 62 -3.92 5.03 -2.00
CA LYS B 62 -4.18 4.75 -3.41
C LYS B 62 -4.41 3.26 -3.63
N PRO B 63 -5.18 2.90 -4.66
CA PRO B 63 -5.51 1.48 -4.88
C PRO B 63 -4.38 0.72 -5.56
N ILE B 64 -4.43 -0.59 -5.40
CA ILE B 64 -3.50 -1.53 -6.04
C ILE B 64 -4.35 -2.58 -6.74
N HIS B 65 -4.27 -2.62 -8.09
CA HIS B 65 -4.81 -3.67 -8.98
C HIS B 65 -6.32 -3.62 -9.16
N VAL B 66 -7.00 -2.59 -8.66
CA VAL B 66 -8.47 -2.50 -8.69
C VAL B 66 -8.85 -1.03 -8.88
N PHE B 67 -10.00 -0.79 -9.52
CA PHE B 67 -10.36 0.57 -9.91
C PHE B 67 -10.73 1.39 -8.69
N ARG B 68 -11.28 2.55 -8.97
CA ARG B 68 -11.88 3.41 -7.98
C ARG B 68 -12.70 4.41 -8.78
N LEU B 69 -13.65 3.91 -9.56
CA LEU B 69 -14.49 4.80 -10.35
C LEU B 69 -15.88 4.88 -9.74
N PRO B 70 -16.29 6.03 -9.19
CA PRO B 70 -15.36 7.15 -8.97
C PRO B 70 -14.58 7.02 -7.65
N TRP B 71 -13.55 7.85 -7.47
CA TRP B 71 -12.89 7.90 -6.17
C TRP B 71 -13.85 8.43 -5.11
N TYR B 72 -14.64 9.44 -5.46
CA TYR B 72 -15.49 10.15 -4.51
C TYR B 72 -16.81 10.52 -5.18
N LYS B 73 -17.73 11.02 -4.36
CA LYS B 73 -19.03 11.52 -4.80
C LYS B 73 -19.52 12.58 -3.81
N CYS B 74 -20.07 13.68 -4.32
CA CYS B 74 -20.50 14.80 -3.49
C CYS B 74 -22.02 14.91 -3.52
N GLU B 75 -22.60 15.11 -2.34
CA GLU B 75 -24.02 15.47 -2.20
C GLU B 75 -24.15 16.80 -1.45
N TRP B 76 -25.41 17.21 -1.29
CA TRP B 76 -25.77 18.29 -0.37
C TRP B 76 -27.12 17.96 0.20
N ILE B 77 -27.20 17.87 1.53
CA ILE B 77 -28.42 17.51 2.24
C ILE B 77 -28.87 18.74 3.02
N SER B 78 -29.83 19.47 2.47
CA SER B 78 -30.39 20.61 3.19
C SER B 78 -31.38 20.12 4.25
N ASN B 79 -31.81 21.05 5.10
CA ASN B 79 -32.83 20.74 6.10
C ASN B 79 -34.20 20.53 5.46
N ASN B 80 -34.39 20.98 4.23
CA ASN B 80 -35.64 20.74 3.52
C ASN B 80 -35.88 19.26 3.25
N GLY B 81 -34.90 18.40 3.51
CA GLY B 81 -35.07 16.98 3.34
C GLY B 81 -34.49 16.44 2.06
N SER B 82 -34.61 17.20 0.98
CA SER B 82 -34.18 16.75 -0.33
C SER B 82 -32.67 16.68 -0.44
N SER B 83 -32.14 16.63 -1.67
CA SER B 83 -30.72 16.40 -1.91
C SER B 83 -30.43 16.58 -3.40
N ILE B 84 -29.28 17.19 -3.70
CA ILE B 84 -28.83 17.33 -5.07
C ILE B 84 -27.43 16.74 -5.19
N ARG B 85 -27.14 16.23 -6.38
CA ARG B 85 -25.85 15.62 -6.70
C ARG B 85 -24.93 16.66 -7.31
N ALA B 86 -23.62 16.49 -7.07
CA ALA B 86 -22.61 17.40 -7.59
C ALA B 86 -21.59 16.63 -8.43
N LYS B 87 -20.95 17.35 -9.37
CA LYS B 87 -19.86 16.81 -10.16
C LYS B 87 -18.61 16.75 -9.28
N ALA B 88 -18.09 15.54 -9.07
CA ALA B 88 -16.97 15.31 -8.17
C ALA B 88 -15.76 14.86 -8.97
N TYR B 89 -14.70 15.68 -8.94
CA TYR B 89 -13.42 15.31 -9.53
C TYR B 89 -12.29 15.68 -8.57
N LYS B 90 -11.28 14.83 -8.53
CA LYS B 90 -10.15 14.96 -7.62
C LYS B 90 -8.89 15.33 -8.37
N MET B 91 -7.88 15.74 -7.60
CA MET B 91 -6.55 15.96 -8.13
C MET B 91 -5.53 15.41 -7.16
N LEU B 92 -4.37 14.98 -7.70
CA LEU B 92 -3.24 14.52 -6.91
C LEU B 92 -2.09 15.51 -7.01
N PRO B 93 -2.19 16.65 -6.35
CA PRO B 93 -1.16 17.68 -6.53
C PRO B 93 0.13 17.38 -5.77
N ASP B 94 0.35 16.13 -5.36
CA ASP B 94 1.62 15.75 -4.78
C ASP B 94 2.36 14.82 -5.74
N TRP B 95 3.45 14.22 -5.26
CA TRP B 95 4.14 13.17 -5.98
C TRP B 95 3.11 12.15 -6.44
N GLY B 96 2.67 11.25 -5.55
CA GLY B 96 1.64 10.29 -5.89
C GLY B 96 2.11 8.85 -5.76
N TYR B 97 3.27 8.69 -5.12
CA TYR B 97 3.97 7.42 -4.96
C TYR B 97 5.13 7.65 -4.00
N GLY B 98 5.40 6.66 -3.14
CA GLY B 98 6.36 6.79 -2.07
C GLY B 98 5.77 7.13 -0.72
N ARG B 99 4.44 7.20 -0.63
CA ARG B 99 3.75 7.42 0.63
C ARG B 99 2.49 6.55 0.62
N VAL B 100 2.07 6.14 1.82
CA VAL B 100 0.85 5.34 1.91
C VAL B 100 -0.34 6.12 1.38
N TYR B 101 -0.60 7.29 1.95
CA TYR B 101 -1.61 8.17 1.41
C TYR B 101 -0.97 9.09 0.38
N THR B 102 -1.80 9.65 -0.48
CA THR B 102 -1.36 10.70 -1.37
C THR B 102 -2.35 11.84 -1.26
N VAL B 103 -1.83 13.05 -1.09
CA VAL B 103 -2.68 14.21 -0.85
C VAL B 103 -3.68 14.34 -1.99
N VAL B 104 -4.95 14.47 -1.63
CA VAL B 104 -6.04 14.55 -2.59
C VAL B 104 -6.82 15.81 -2.32
N VAL B 105 -7.14 16.55 -3.37
CA VAL B 105 -8.04 17.69 -3.32
C VAL B 105 -9.31 17.29 -4.06
N VAL B 106 -10.45 17.36 -3.38
CA VAL B 106 -11.71 16.84 -3.90
C VAL B 106 -12.63 18.00 -4.21
N ASN B 107 -13.03 18.12 -5.48
CA ASN B 107 -13.76 19.26 -6.01
C ASN B 107 -15.24 18.88 -6.18
N CYS B 108 -16.13 19.68 -5.59
CA CYS B 108 -17.58 19.46 -5.64
C CYS B 108 -18.25 20.71 -6.21
N THR B 109 -18.48 20.73 -7.52
CA THR B 109 -19.16 21.82 -8.19
C THR B 109 -20.61 21.43 -8.47
N PHE B 110 -21.53 22.34 -8.17
CA PHE B 110 -22.96 22.13 -8.35
C PHE B 110 -23.49 22.96 -9.51
N PRO B 111 -24.68 22.63 -10.05
CA PRO B 111 -25.30 23.50 -11.06
C PRO B 111 -25.97 24.72 -10.46
N VAL B 112 -26.41 24.64 -9.21
CA VAL B 112 -27.02 25.75 -8.50
C VAL B 112 -26.43 25.74 -7.09
N ASN B 113 -26.27 26.92 -6.51
CA ASN B 113 -25.90 27.02 -5.11
C ASN B 113 -26.89 26.20 -4.29
N PRO B 114 -26.44 25.12 -3.63
CA PRO B 114 -27.37 24.27 -2.88
C PRO B 114 -27.82 24.85 -1.55
N ASN B 115 -27.46 26.10 -1.22
CA ASN B 115 -27.88 26.71 0.03
C ASN B 115 -27.72 28.23 0.05
N GLN B 116 -28.33 28.93 -0.91
CA GLN B 116 -28.69 30.33 -0.71
C GLN B 116 -30.18 30.49 -0.49
N ASP B 117 -30.94 29.39 -0.65
CA ASP B 117 -32.05 29.10 0.24
C ASP B 117 -31.65 29.47 1.66
N ASN B 118 -30.48 28.99 2.09
CA ASN B 118 -29.95 29.23 3.43
C ASN B 118 -30.85 28.66 4.51
N ALA B 119 -31.58 27.59 4.19
CA ALA B 119 -32.31 26.83 5.19
C ALA B 119 -31.44 25.79 5.89
N GLY B 120 -30.12 25.97 5.83
CA GLY B 120 -29.20 24.97 6.32
C GLY B 120 -28.83 23.96 5.25
N GLY B 121 -27.74 23.26 5.49
CA GLY B 121 -27.28 22.26 4.55
C GLY B 121 -25.98 21.65 5.00
N ARG B 122 -25.64 20.52 4.38
CA ARG B 122 -24.49 19.71 4.78
C ARG B 122 -23.86 19.10 3.52
N LEU B 123 -22.53 19.13 3.47
CA LEU B 123 -21.78 18.62 2.34
C LEU B 123 -21.37 17.18 2.62
N MET B 124 -21.81 16.26 1.76
CA MET B 124 -21.47 14.85 1.87
C MET B 124 -20.23 14.51 1.04
N LEU B 125 -19.72 13.31 1.26
CA LEU B 125 -18.62 12.80 0.43
C LEU B 125 -18.69 11.27 0.48
N ASN B 126 -18.99 10.64 -0.64
CA ASN B 126 -19.10 9.19 -0.71
C ASN B 126 -17.83 8.64 -1.34
N ALA B 127 -17.11 7.86 -0.57
CA ALA B 127 -15.74 7.47 -0.92
C ALA B 127 -15.72 5.97 -1.12
N TYR B 128 -15.34 5.55 -2.33
CA TYR B 128 -15.50 4.18 -2.78
C TYR B 128 -14.16 3.48 -2.90
N TYR B 129 -14.10 2.25 -2.38
CA TYR B 129 -12.85 1.49 -2.45
C TYR B 129 -12.51 1.09 -3.88
N ASP B 130 -13.50 0.65 -4.65
CA ASP B 130 -13.34 0.24 -6.04
C ASP B 130 -14.73 0.04 -6.64
N GLU B 131 -14.75 -0.33 -7.93
CA GLU B 131 -15.97 -0.44 -8.72
C GLU B 131 -16.74 -1.76 -8.51
N SER B 132 -16.17 -2.73 -7.80
CA SER B 132 -16.84 -4.03 -7.66
C SER B 132 -17.62 -4.15 -6.36
N GLN B 133 -16.97 -3.98 -5.21
CA GLN B 133 -17.73 -3.95 -3.97
C GLN B 133 -18.60 -2.70 -3.92
N ARG B 134 -19.74 -2.82 -3.23
CA ARG B 134 -20.77 -1.80 -3.27
C ARG B 134 -21.07 -1.14 -1.94
N LYS B 135 -20.40 -1.51 -0.86
CA LYS B 135 -20.46 -0.71 0.35
C LYS B 135 -19.41 0.39 0.29
N TYR B 136 -19.65 1.45 1.05
CA TYR B 136 -18.91 2.69 0.89
C TYR B 136 -18.82 3.37 2.24
N GLU B 137 -18.20 4.55 2.24
CA GLU B 137 -18.24 5.45 3.38
C GLU B 137 -18.93 6.73 2.94
N LYS B 138 -19.89 7.18 3.75
CA LYS B 138 -20.65 8.40 3.51
C LYS B 138 -20.67 9.23 4.78
N PHE B 139 -20.08 10.42 4.71
CA PHE B 139 -19.92 11.25 5.90
C PHE B 139 -20.20 12.70 5.57
N THR B 140 -20.07 13.54 6.59
CA THR B 140 -20.26 14.98 6.46
C THR B 140 -18.90 15.67 6.47
N ALA B 141 -18.69 16.57 5.51
CA ALA B 141 -17.43 17.29 5.39
C ALA B 141 -17.48 18.67 6.02
N LEU B 142 -18.55 19.43 5.78
CA LEU B 142 -18.81 20.67 6.49
C LEU B 142 -20.31 20.85 6.61
N GLU B 143 -20.72 21.72 7.54
CA GLU B 143 -22.11 22.11 7.72
C GLU B 143 -22.23 23.62 7.72
N GLU B 144 -23.32 24.12 7.17
CA GLU B 144 -23.66 25.54 7.21
C GLU B 144 -24.97 25.70 7.97
N LEU B 145 -24.91 26.45 9.07
CA LEU B 145 -26.06 26.66 9.93
C LEU B 145 -27.04 27.63 9.27
N PRO B 146 -28.29 27.71 9.76
CA PRO B 146 -29.26 28.63 9.13
C PRO B 146 -28.83 30.08 9.30
N GLY B 147 -28.73 30.78 8.17
CA GLY B 147 -28.36 32.18 8.17
C GLY B 147 -26.89 32.42 8.48
N SER B 148 -26.01 31.68 7.80
CA SER B 148 -24.57 31.81 8.01
C SER B 148 -23.82 32.10 6.71
N TYR B 149 -24.51 32.51 5.65
CA TYR B 149 -23.91 32.69 4.34
C TYR B 149 -23.89 34.17 3.96
N ASN B 150 -22.86 34.57 3.23
CA ASN B 150 -22.69 35.97 2.83
C ASN B 150 -21.86 35.99 1.54
N GLU B 151 -22.53 36.22 0.41
CA GLU B 151 -21.82 36.29 -0.87
C GLU B 151 -20.91 37.51 -0.93
N SER B 152 -21.19 38.54 -0.13
CA SER B 152 -20.46 39.81 -0.20
C SER B 152 -18.96 39.65 0.01
N LYS B 153 -18.52 38.53 0.59
CA LYS B 153 -17.10 38.26 0.77
C LYS B 153 -16.58 37.22 -0.21
N PHE B 154 -17.38 36.86 -1.21
CA PHE B 154 -16.88 36.18 -2.40
C PHE B 154 -16.58 37.18 -3.51
N ARG B 155 -16.48 38.46 -3.15
CA ARG B 155 -16.30 39.56 -4.07
C ARG B 155 -15.60 40.68 -3.32
N PRO B 156 -14.98 41.62 -4.03
CA PRO B 156 -14.29 42.71 -3.34
C PRO B 156 -15.25 43.51 -2.49
N PRO B 157 -14.80 44.01 -1.33
CA PRO B 157 -13.42 43.81 -0.86
C PRO B 157 -13.21 42.58 0.02
N TYR B 158 -11.96 42.08 0.04
CA TYR B 158 -11.56 40.98 0.90
C TYR B 158 -10.88 41.53 2.16
N GLN B 159 -10.51 40.61 3.05
CA GLN B 159 -9.86 41.01 4.30
C GLN B 159 -8.53 41.71 4.03
N TYR B 160 -7.66 41.07 3.25
CA TYR B 160 -6.33 41.59 3.00
C TYR B 160 -6.07 41.59 1.49
N GLU B 161 -5.05 42.34 1.09
CA GLU B 161 -4.54 42.19 -0.27
C GLU B 161 -3.67 40.96 -0.40
N TYR B 162 -2.96 40.60 0.68
CA TYR B 162 -1.94 39.55 0.67
C TYR B 162 -2.15 38.65 1.88
N LEU B 163 -1.86 37.35 1.69
CA LEU B 163 -1.96 36.35 2.75
C LEU B 163 -0.84 35.34 2.57
N TYR B 164 0.01 35.22 3.60
CA TYR B 164 1.16 34.34 3.54
C TYR B 164 0.78 32.97 4.10
N CYS B 165 1.15 31.91 3.40
CA CYS B 165 0.82 30.55 3.81
C CYS B 165 2.08 29.86 4.32
N GLY B 166 2.12 29.59 5.61
CA GLY B 166 3.26 28.91 6.17
C GLY B 166 3.29 27.43 5.84
N SER B 167 4.47 26.85 5.99
CA SER B 167 4.66 25.42 5.83
C SER B 167 4.18 24.68 7.08
N SER B 168 4.24 23.35 7.03
CA SER B 168 4.03 22.53 8.21
C SER B 168 5.26 22.66 9.11
N LEU B 169 5.13 23.38 10.22
CA LEU B 169 6.28 23.71 11.06
C LEU B 169 6.60 22.56 12.00
N TYR B 170 7.83 22.05 11.96
CA TYR B 170 8.28 21.00 12.85
C TYR B 170 9.79 21.08 13.05
N GLY B 171 10.25 20.48 14.13
CA GLY B 171 11.65 20.46 14.46
C GLY B 171 12.01 21.45 15.54
N ASN B 172 13.30 21.76 15.61
CA ASN B 172 13.86 22.65 16.62
C ASN B 172 14.14 23.99 15.96
N LEU B 173 13.23 24.94 16.12
CA LEU B 173 13.21 26.15 15.31
C LEU B 173 13.65 27.36 16.13
N SER B 174 14.49 28.19 15.53
CA SER B 174 15.01 29.38 16.18
C SER B 174 13.95 30.48 16.20
N ALA B 175 13.60 30.92 17.42
CA ALA B 175 12.66 32.03 17.56
C ALA B 175 13.22 33.32 17.01
N SER B 176 14.55 33.50 17.04
CA SER B 176 15.14 34.74 16.55
C SER B 176 14.91 34.91 15.06
N ARG B 177 14.94 33.80 14.31
CA ARG B 177 14.61 33.87 12.89
C ARG B 177 13.16 34.29 12.68
N PHE B 178 12.26 33.81 13.54
CA PHE B 178 10.85 34.16 13.40
C PHE B 178 10.62 35.63 13.67
N ARG B 179 11.23 36.16 14.73
CA ARG B 179 11.12 37.59 15.00
C ARG B 179 11.62 38.39 13.82
N GLU B 180 12.80 38.05 13.30
CA GLU B 180 13.36 38.79 12.18
C GLU B 180 12.50 38.62 10.93
N TRP B 181 12.06 37.40 10.64
CA TRP B 181 11.27 37.17 9.44
C TRP B 181 9.99 37.97 9.47
N MET B 182 9.30 37.97 10.62
CA MET B 182 8.00 38.62 10.75
C MET B 182 8.13 40.14 10.65
N ALA B 183 9.07 40.72 11.40
CA ALA B 183 9.32 42.15 11.27
C ALA B 183 9.58 42.56 9.83
N TYR B 184 10.39 41.77 9.12
CA TYR B 184 10.72 42.08 7.72
C TYR B 184 9.49 42.00 6.82
N HIS B 185 8.73 40.92 6.94
CA HIS B 185 7.70 40.68 5.94
C HIS B 185 6.44 41.46 6.24
N ALA B 186 6.19 41.80 7.50
CA ALA B 186 5.10 42.75 7.78
C ALA B 186 5.39 44.10 7.15
N TRP B 187 6.69 44.46 7.04
CA TRP B 187 7.10 45.68 6.34
C TRP B 187 7.02 45.52 4.84
N PHE B 188 7.45 44.35 4.33
CA PHE B 188 7.41 44.08 2.90
C PHE B 188 5.98 44.10 2.37
N PHE B 189 5.14 43.22 2.89
CA PHE B 189 3.78 43.11 2.39
C PHE B 189 2.90 44.27 2.81
N GLY B 190 3.30 45.01 3.85
CA GLY B 190 2.61 46.21 4.20
C GLY B 190 1.49 46.00 5.20
N PRO B 191 0.71 47.06 5.46
CA PRO B 191 -0.25 47.02 6.57
C PRO B 191 -1.40 46.05 6.35
N SER B 192 -1.80 45.80 5.11
CA SER B 192 -2.93 44.92 4.83
C SER B 192 -2.43 43.55 4.40
N SER B 193 -1.72 42.87 5.29
CA SER B 193 -1.30 41.49 5.06
C SER B 193 -1.48 40.67 6.32
N HIS B 194 -1.66 39.37 6.13
CA HIS B 194 -1.81 38.43 7.23
C HIS B 194 -0.88 37.24 6.99
N PHE B 195 -0.45 36.62 8.08
CA PHE B 195 0.47 35.49 8.01
C PHE B 195 -0.14 34.30 8.74
N VAL B 196 -0.23 33.17 8.05
CA VAL B 196 -0.77 31.94 8.63
C VAL B 196 0.38 30.97 8.83
N PHE B 197 0.43 30.37 10.01
CA PHE B 197 1.44 29.38 10.36
C PHE B 197 0.76 28.09 10.79
N HIS B 198 1.45 26.98 10.57
CA HIS B 198 0.91 25.64 10.76
C HIS B 198 1.80 24.88 11.73
N ASP B 199 1.56 25.07 13.02
CA ASP B 199 2.30 24.38 14.08
C ASP B 199 2.01 22.89 14.04
N ALA B 200 2.95 22.13 13.52
CA ALA B 200 3.00 20.69 13.67
C ALA B 200 4.12 20.26 14.60
N GLY B 201 4.38 21.05 15.64
CA GLY B 201 5.38 20.73 16.65
C GLY B 201 6.56 21.67 16.69
N GLY B 202 6.81 22.41 15.62
CA GLY B 202 7.93 23.34 15.61
C GLY B 202 7.68 24.61 16.39
N VAL B 203 6.42 24.98 16.58
CA VAL B 203 6.16 26.23 17.28
C VAL B 203 6.38 25.98 18.75
N SER B 204 7.63 26.17 19.17
CA SER B 204 8.02 26.05 20.56
C SER B 204 7.43 27.22 21.35
N PRO B 205 7.46 27.14 22.67
CA PRO B 205 7.06 28.31 23.47
C PRO B 205 7.86 29.56 23.17
N GLU B 206 9.14 29.41 22.80
CA GLU B 206 9.96 30.57 22.46
C GLU B 206 9.59 31.12 21.09
N VAL B 207 9.33 30.24 20.12
CA VAL B 207 8.79 30.70 18.84
C VAL B 207 7.48 31.45 19.06
N ARG B 208 6.52 30.84 19.78
CA ARG B 208 5.28 31.53 20.11
C ARG B 208 5.54 32.93 20.60
N ALA B 209 6.45 33.08 21.56
CA ALA B 209 6.72 34.39 22.14
C ALA B 209 7.21 35.37 21.08
N ALA B 210 7.76 34.86 19.99
CA ALA B 210 8.13 35.70 18.87
C ALA B 210 6.95 35.96 17.94
N LEU B 211 6.02 35.01 17.80
CA LEU B 211 4.80 35.34 17.06
C LEU B 211 3.87 36.21 17.89
N ASP B 212 3.94 36.07 19.22
CA ASP B 212 3.04 36.75 20.14
C ASP B 212 2.74 38.19 19.77
N PRO B 213 3.73 39.06 19.52
CA PRO B 213 3.37 40.44 19.13
C PRO B 213 2.48 40.49 17.91
N TRP B 214 2.71 39.63 16.94
CA TRP B 214 1.99 39.79 15.69
C TRP B 214 0.58 39.25 15.76
N VAL B 215 0.34 38.18 16.52
CA VAL B 215 -1.02 37.67 16.63
C VAL B 215 -1.87 38.54 17.54
N ARG B 216 -1.25 39.21 18.52
CA ARG B 216 -1.98 40.21 19.31
C ARG B 216 -2.49 41.33 18.41
N ALA B 217 -1.73 41.69 17.38
CA ALA B 217 -2.10 42.73 16.44
C ALA B 217 -3.03 42.22 15.35
N GLY B 218 -3.52 40.98 15.46
CA GLY B 218 -4.34 40.43 14.40
C GLY B 218 -3.62 40.27 13.08
N ARG B 219 -2.31 40.09 13.11
CA ARG B 219 -1.51 39.98 11.90
C ARG B 219 -1.02 38.58 11.61
N ALA B 220 -1.09 37.66 12.58
CA ALA B 220 -0.61 36.30 12.39
C ALA B 220 -1.55 35.30 13.03
N THR B 221 -1.69 34.13 12.41
CA THR B 221 -2.52 33.05 12.93
C THR B 221 -1.68 31.78 13.01
N VAL B 222 -1.81 31.06 14.13
CA VAL B 222 -1.07 29.84 14.37
C VAL B 222 -2.09 28.73 14.57
N GLN B 223 -2.30 27.92 13.53
CA GLN B 223 -3.18 26.77 13.66
C GLN B 223 -2.44 25.59 14.27
N ASP B 224 -3.13 24.85 15.12
CA ASP B 224 -2.59 23.65 15.76
C ASP B 224 -2.87 22.47 14.84
N ILE B 225 -1.86 22.02 14.12
CA ILE B 225 -2.02 20.79 13.35
C ILE B 225 -1.22 19.65 13.98
N ARG B 226 -0.91 19.76 15.27
CA ARG B 226 -0.09 18.75 15.94
C ARG B 226 -0.77 17.39 16.00
N GLY B 227 -2.10 17.32 15.85
CA GLY B 227 -2.75 16.04 15.72
C GLY B 227 -2.32 15.25 14.50
N GLN B 228 -1.57 15.89 13.61
CA GLN B 228 -1.02 15.27 12.42
C GLN B 228 -0.06 14.13 12.72
N ALA B 229 0.52 14.10 13.94
CA ALA B 229 1.50 13.09 14.33
C ALA B 229 1.01 11.67 14.06
N GLU B 230 -0.29 11.49 13.86
CA GLU B 230 -0.86 10.18 13.61
C GLU B 230 -0.51 9.64 12.25
N PHE B 231 -0.27 10.53 11.28
CA PHE B 231 0.04 10.11 9.91
C PHE B 231 1.43 10.51 9.49
N ASP B 232 2.23 11.06 10.40
CA ASP B 232 3.58 11.48 10.07
C ASP B 232 4.32 10.37 9.34
N GLY B 233 4.71 10.66 8.10
CA GLY B 233 5.39 9.71 7.25
C GLY B 233 4.51 8.94 6.31
N TYR B 234 3.19 9.14 6.36
CA TYR B 234 2.24 8.39 5.55
C TYR B 234 1.73 9.17 4.36
N TYR B 235 2.26 10.37 4.14
CA TYR B 235 1.83 11.30 3.10
C TYR B 235 2.83 12.44 3.07
N TYR B 236 2.68 13.33 2.09
CA TYR B 236 3.62 14.44 1.92
C TYR B 236 3.14 15.62 2.73
N ASN B 237 3.83 15.87 3.85
CA ASN B 237 3.36 16.83 4.85
C ASN B 237 3.21 18.22 4.25
N GLN B 238 4.18 18.66 3.44
CA GLN B 238 4.14 20.03 2.93
C GLN B 238 3.13 20.23 1.82
N PHE B 239 2.70 19.16 1.16
CA PHE B 239 1.63 19.29 0.17
C PHE B 239 0.28 19.52 0.84
N LEU B 240 -0.05 18.72 1.86
CA LEU B 240 -1.36 18.84 2.51
C LEU B 240 -1.58 20.23 3.11
N VAL B 241 -0.52 20.84 3.64
CA VAL B 241 -0.67 22.15 4.28
C VAL B 241 -1.01 23.22 3.25
N VAL B 242 -0.32 23.21 2.11
CA VAL B 242 -0.56 24.24 1.09
C VAL B 242 -1.86 24.03 0.33
N ASN B 243 -2.41 22.80 0.32
CA ASN B 243 -3.73 22.65 -0.28
C ASN B 243 -4.83 23.17 0.62
N ASP B 244 -4.65 23.07 1.94
CA ASP B 244 -5.67 23.55 2.86
C ASP B 244 -5.63 25.06 3.03
N CYS B 245 -4.44 25.62 3.23
CA CYS B 245 -4.26 27.07 3.28
C CYS B 245 -4.78 27.74 2.01
N LEU B 246 -4.83 27.01 0.91
CA LEU B 246 -5.40 27.52 -0.34
C LEU B 246 -6.89 27.80 -0.19
N HIS B 247 -7.66 26.82 0.28
CA HIS B 247 -9.11 26.93 0.31
C HIS B 247 -9.64 27.51 1.62
N ARG B 248 -8.93 27.33 2.74
CA ARG B 248 -9.37 27.95 3.99
C ARG B 248 -9.33 29.46 3.89
N TYR B 249 -8.44 29.97 3.05
CA TYR B 249 -8.23 31.38 2.84
C TYR B 249 -8.25 31.68 1.35
N ARG B 250 -9.23 31.12 0.65
CA ARG B 250 -9.28 31.25 -0.81
C ARG B 250 -9.65 32.67 -1.22
N TYR B 251 -10.54 33.31 -0.47
CA TYR B 251 -11.00 34.66 -0.79
C TYR B 251 -10.52 35.67 0.24
N SER B 252 -9.60 35.28 1.13
CA SER B 252 -9.14 36.19 2.18
C SER B 252 -8.24 37.28 1.62
N ALA B 253 -7.55 37.01 0.51
CA ALA B 253 -6.66 38.00 -0.06
C ALA B 253 -6.59 37.82 -1.57
N ASN B 254 -6.30 38.92 -2.27
CA ASN B 254 -6.14 38.85 -3.71
C ASN B 254 -4.95 37.98 -4.11
N TRP B 255 -3.91 37.95 -3.29
CA TRP B 255 -2.71 37.17 -3.54
C TRP B 255 -2.34 36.38 -2.29
N THR B 256 -1.87 35.15 -2.50
CA THR B 256 -1.50 34.26 -1.41
C THR B 256 -0.11 33.72 -1.67
N PHE B 257 0.86 34.08 -0.83
CA PHE B 257 2.27 33.76 -1.02
C PHE B 257 2.64 32.49 -0.26
N TYR B 258 3.54 31.71 -0.86
CA TYR B 258 4.00 30.43 -0.31
C TYR B 258 5.52 30.45 -0.24
N PHE B 259 6.08 30.55 0.97
CA PHE B 259 7.51 30.38 1.17
C PHE B 259 7.76 30.14 2.66
N ASP B 260 9.02 29.89 3.01
CA ASP B 260 9.37 29.48 4.35
C ASP B 260 9.93 30.67 5.15
N VAL B 261 10.03 30.47 6.46
CA VAL B 261 10.53 31.52 7.36
C VAL B 261 12.03 31.70 7.25
N ASP B 262 12.73 30.82 6.53
CA ASP B 262 14.12 31.05 6.17
C ASP B 262 14.25 31.68 4.78
N GLU B 263 13.15 32.15 4.21
CA GLU B 263 13.14 32.83 2.91
C GLU B 263 12.61 34.24 3.10
N TYR B 264 13.21 35.20 2.41
CA TYR B 264 12.83 36.61 2.53
C TYR B 264 12.63 37.16 1.12
N ILE B 265 11.41 37.64 0.83
CA ILE B 265 11.15 38.20 -0.50
C ILE B 265 11.84 39.55 -0.64
N TYR B 266 12.60 39.72 -1.72
CA TYR B 266 13.29 40.97 -2.01
C TYR B 266 12.82 41.51 -3.36
N LEU B 267 13.14 42.76 -3.61
CA LEU B 267 12.89 43.40 -4.88
C LEU B 267 14.12 44.25 -5.23
N PRO B 268 14.98 43.87 -6.26
CA PRO B 268 15.87 44.86 -6.84
C PRO B 268 15.26 46.23 -7.04
N GLU B 269 16.06 47.27 -6.79
CA GLU B 269 15.56 48.62 -6.60
C GLU B 269 14.96 49.18 -7.89
N GLY B 270 13.96 50.06 -7.73
CA GLY B 270 13.14 50.45 -8.86
C GLY B 270 11.89 49.61 -8.98
N ASN B 271 11.41 49.08 -7.86
CA ASN B 271 10.21 48.25 -7.87
C ASN B 271 9.46 48.43 -6.56
N THR B 272 8.22 48.85 -6.66
CA THR B 272 7.26 48.77 -5.58
C THR B 272 6.60 47.39 -5.62
N LEU B 273 6.09 46.93 -4.47
CA LEU B 273 5.33 45.69 -4.49
C LEU B 273 4.13 45.79 -5.43
N GLU B 274 3.51 46.97 -5.52
CA GLU B 274 2.43 47.18 -6.46
C GLU B 274 2.94 47.48 -7.87
N SER B 275 4.13 48.08 -8.01
CA SER B 275 4.69 48.31 -9.33
C SER B 275 5.14 47.01 -9.99
N VAL B 276 5.33 45.94 -9.21
CA VAL B 276 5.57 44.60 -9.75
C VAL B 276 4.29 43.79 -9.83
N LEU B 277 3.19 44.28 -9.24
CA LEU B 277 1.91 43.58 -9.22
C LEU B 277 1.02 43.92 -10.43
N LYS B 278 1.00 45.18 -10.88
CA LYS B 278 0.26 45.50 -12.09
C LYS B 278 0.93 44.88 -13.32
N ASP B 279 2.26 44.90 -13.37
CA ASP B 279 2.97 44.23 -14.46
C ASP B 279 2.62 42.75 -14.53
N PHE B 280 2.36 42.12 -13.38
CA PHE B 280 1.95 40.72 -13.30
C PHE B 280 0.44 40.57 -13.09
N SER B 281 -0.34 41.63 -13.26
CA SER B 281 -1.75 41.61 -12.88
C SER B 281 -2.56 40.58 -13.68
N ASN B 282 -2.13 40.22 -14.88
CA ASN B 282 -2.86 39.28 -15.71
C ASN B 282 -2.48 37.83 -15.45
N TYR B 283 -1.38 37.57 -14.76
CA TYR B 283 -0.92 36.22 -14.46
C TYR B 283 -1.43 35.78 -13.09
N THR B 284 -2.09 34.63 -13.04
CA THR B 284 -2.66 34.15 -11.79
C THR B 284 -1.65 33.39 -10.94
N GLN B 285 -0.47 33.08 -11.47
CA GLN B 285 0.60 32.52 -10.65
C GLN B 285 1.93 32.79 -11.35
N PHE B 286 2.96 33.03 -10.55
CA PHE B 286 4.29 33.34 -11.07
C PHE B 286 5.34 32.90 -10.06
N THR B 287 6.48 32.45 -10.59
CA THR B 287 7.56 31.93 -9.77
C THR B 287 8.51 33.04 -9.33
N ILE B 288 9.33 32.74 -8.34
CA ILE B 288 10.35 33.66 -7.84
C ILE B 288 11.68 32.92 -7.80
N GLU B 289 12.71 33.53 -8.36
CA GLU B 289 14.01 32.92 -8.36
C GLU B 289 14.74 33.19 -7.04
N GLN B 290 15.78 32.40 -6.80
CA GLN B 290 16.34 32.18 -5.48
C GLN B 290 17.69 32.85 -5.33
N ASN B 291 17.88 33.53 -4.20
CA ASN B 291 19.22 33.99 -3.81
C ASN B 291 19.74 33.10 -2.69
N PRO B 292 20.41 32.01 -3.04
CA PRO B 292 20.88 31.07 -2.01
C PRO B 292 22.03 31.68 -1.23
N MET B 293 21.80 31.89 0.06
CA MET B 293 22.79 32.51 0.91
C MET B 293 23.31 31.47 1.90
N SER B 294 24.62 31.43 2.05
CA SER B 294 25.23 30.67 3.13
C SER B 294 24.65 31.09 4.48
N SER B 295 24.46 30.11 5.35
CA SER B 295 24.04 30.37 6.72
C SER B 295 25.20 30.35 7.70
N ALA B 296 26.43 30.21 7.20
CA ALA B 296 27.62 30.23 8.04
C ALA B 296 28.61 31.32 7.67
N LEU B 297 28.75 31.65 6.38
CA LEU B 297 29.76 32.62 5.94
C LEU B 297 29.46 34.00 6.52
N CYS B 298 30.47 34.57 7.19
CA CYS B 298 30.44 35.93 7.71
C CYS B 298 31.83 36.52 7.54
N PHE B 299 32.04 37.72 8.05
CA PHE B 299 33.32 38.42 7.97
C PHE B 299 34.07 38.34 9.30
N ASN B 300 35.39 38.24 9.21
CA ASN B 300 36.26 38.35 10.38
C ASN B 300 36.36 39.82 10.78
N ASP B 301 35.79 40.19 11.92
CA ASP B 301 35.70 41.59 12.32
C ASP B 301 35.60 41.68 13.84
N SER B 302 36.69 42.10 14.48
CA SER B 302 36.75 42.23 15.93
C SER B 302 35.72 43.21 16.49
N THR B 303 35.23 44.15 15.68
CA THR B 303 34.32 45.19 16.14
C THR B 303 32.86 44.88 15.83
N GLN B 304 32.57 44.05 14.82
CA GLN B 304 31.20 43.62 14.56
C GLN B 304 30.75 42.69 15.68
N ASP B 305 29.70 43.09 16.39
CA ASP B 305 29.09 42.25 17.44
C ASP B 305 27.96 41.45 16.79
N TYR B 306 28.36 40.40 16.08
CA TYR B 306 27.43 39.53 15.39
C TYR B 306 26.32 38.95 16.27
N PRO B 307 26.56 38.56 17.52
CA PRO B 307 25.46 38.04 18.35
C PRO B 307 24.26 38.97 18.51
N ARG B 308 24.35 40.26 18.18
CA ARG B 308 23.17 41.11 18.22
C ARG B 308 22.87 41.74 16.86
N GLN B 309 23.30 41.08 15.78
CA GLN B 309 22.88 41.44 14.43
C GLN B 309 21.84 40.45 13.94
N TRP B 310 20.85 40.93 13.19
CA TRP B 310 19.85 40.06 12.62
C TRP B 310 20.49 39.12 11.59
N GLY B 311 19.83 37.98 11.36
CA GLY B 311 20.41 36.95 10.48
C GLY B 311 20.77 37.47 9.11
N PHE B 312 19.83 38.15 8.44
CA PHE B 312 20.07 38.63 7.08
C PHE B 312 21.01 39.83 7.04
N GLU B 313 21.22 40.46 8.19
CA GLU B 313 22.13 41.59 8.35
C GLU B 313 23.59 41.15 8.44
N LYS B 314 23.85 39.89 8.78
CA LYS B 314 25.20 39.39 9.01
C LYS B 314 25.66 38.38 7.97
N LEU B 315 24.79 37.49 7.50
CA LEU B 315 25.15 36.53 6.44
C LEU B 315 25.11 37.26 5.12
N LEU B 316 26.28 37.67 4.63
CA LEU B 316 26.38 38.58 3.50
C LEU B 316 27.06 37.89 2.31
N PHE B 317 26.83 36.59 2.15
CA PHE B 317 27.53 35.84 1.11
C PHE B 317 26.53 34.96 0.36
N ARG B 318 26.54 35.12 -0.98
CA ARG B 318 25.46 34.67 -1.85
C ARG B 318 26.01 33.67 -2.85
N GLU B 319 25.36 32.52 -2.96
CA GLU B 319 25.75 31.52 -3.94
C GLU B 319 25.39 32.06 -5.33
N SER B 320 26.40 32.39 -6.10
CA SER B 320 26.26 33.31 -7.22
C SER B 320 26.67 32.61 -8.53
N ARG B 321 25.79 31.76 -9.08
CA ARG B 321 26.17 30.93 -10.21
C ARG B 321 25.33 31.19 -11.44
N THR B 322 26.02 31.28 -12.58
CA THR B 322 25.42 31.48 -13.89
C THR B 322 24.47 30.36 -14.23
N GLY B 323 23.18 30.59 -13.98
CA GLY B 323 22.12 29.75 -14.51
C GLY B 323 22.29 28.27 -14.25
N ILE B 324 22.09 27.86 -13.00
CA ILE B 324 21.83 26.47 -12.66
C ILE B 324 20.41 26.42 -12.11
N ARG B 325 19.64 25.41 -12.52
CA ARG B 325 18.25 25.36 -12.11
C ARG B 325 18.15 25.18 -10.60
N ARG B 326 17.44 26.10 -9.94
CA ARG B 326 17.33 26.11 -8.49
C ARG B 326 15.87 26.04 -8.05
N ASP B 327 15.70 25.85 -6.75
CA ASP B 327 14.36 25.78 -6.19
C ASP B 327 13.61 27.10 -6.37
N ARG B 328 12.30 26.99 -6.48
CA ARG B 328 11.40 28.12 -6.63
C ARG B 328 10.52 28.26 -5.41
N LYS B 329 9.94 29.46 -5.28
CA LYS B 329 8.68 29.65 -4.60
C LYS B 329 7.78 30.42 -5.55
N TYR B 330 6.57 30.76 -5.10
CA TYR B 330 5.57 31.32 -6.00
C TYR B 330 4.50 32.03 -5.19
N ALA B 331 3.71 32.84 -5.89
CA ALA B 331 2.47 33.39 -5.38
C ALA B 331 1.36 33.02 -6.37
N ILE B 332 0.12 33.23 -5.94
CA ILE B 332 -1.02 32.73 -6.69
C ILE B 332 -2.27 33.45 -6.22
N GLN B 333 -3.15 33.77 -7.17
CA GLN B 333 -4.46 34.29 -6.85
C GLN B 333 -5.33 33.09 -6.48
N ALA B 334 -5.45 32.83 -5.17
CA ALA B 334 -6.19 31.66 -4.69
C ALA B 334 -7.61 31.60 -5.26
N LYS B 335 -8.18 32.75 -5.60
CA LYS B 335 -9.48 32.79 -6.26
C LYS B 335 -9.49 31.92 -7.53
N ASN B 336 -8.36 31.80 -8.22
CA ASN B 336 -8.32 31.26 -9.58
C ASN B 336 -7.55 29.94 -9.65
N ALA B 337 -7.52 29.17 -8.57
CA ALA B 337 -6.84 27.88 -8.54
C ALA B 337 -7.73 26.84 -7.87
N TYR B 338 -7.26 25.60 -7.90
CA TYR B 338 -7.99 24.48 -7.31
C TYR B 338 -7.11 23.51 -6.55
N ALA B 339 -5.83 23.45 -6.85
CA ALA B 339 -4.83 22.77 -6.04
C ALA B 339 -3.49 23.38 -6.39
N THR B 340 -2.48 23.05 -5.60
CA THR B 340 -1.16 23.60 -5.86
C THR B 340 -0.12 22.65 -5.28
N GLY B 341 1.15 22.97 -5.52
CA GLY B 341 2.24 22.21 -4.95
C GLY B 341 3.08 23.07 -4.02
N VAL B 342 4.32 22.69 -3.79
CA VAL B 342 5.21 23.47 -2.93
C VAL B 342 6.09 24.44 -3.70
N HIS B 343 6.32 24.19 -5.00
CA HIS B 343 7.15 25.07 -5.82
C HIS B 343 6.36 25.83 -6.88
N MET B 344 5.17 25.35 -7.26
CA MET B 344 4.24 26.04 -8.13
C MET B 344 2.93 25.26 -8.22
N SER B 345 2.04 25.64 -9.15
CA SER B 345 0.78 24.94 -9.33
C SER B 345 0.67 24.39 -10.76
N GLU B 346 0.15 23.17 -10.87
CA GLU B 346 -0.26 22.58 -12.13
C GLU B 346 -1.78 22.41 -12.17
N ASN B 347 -2.50 23.20 -11.36
CA ASN B 347 -3.93 23.02 -11.12
C ASN B 347 -4.59 24.40 -11.03
N VAL B 348 -4.51 25.16 -12.12
CA VAL B 348 -5.00 26.54 -12.16
C VAL B 348 -5.68 26.80 -13.50
N ILE B 349 -6.30 27.98 -13.60
CA ILE B 349 -6.77 28.54 -14.87
C ILE B 349 -6.05 29.87 -15.08
N GLY B 350 -5.60 30.10 -16.30
CA GLY B 350 -4.68 31.18 -16.62
C GLY B 350 -3.28 30.64 -16.86
N LYS B 351 -2.38 31.55 -17.19
CA LYS B 351 -1.02 31.18 -17.53
C LYS B 351 -0.05 31.58 -16.43
N THR B 352 1.06 30.85 -16.35
CA THR B 352 2.11 31.09 -15.38
C THR B 352 3.21 31.98 -15.97
N LEU B 353 3.83 32.78 -15.11
CA LEU B 353 4.97 33.60 -15.48
C LEU B 353 6.20 33.08 -14.73
N HIS B 354 7.05 32.33 -15.43
CA HIS B 354 8.34 31.92 -14.90
C HIS B 354 9.40 32.99 -15.06
N GLN B 355 9.07 34.09 -15.75
CA GLN B 355 10.03 35.14 -16.09
C GLN B 355 9.79 36.34 -15.17
N THR B 356 10.37 36.24 -13.97
CA THR B 356 10.31 37.26 -12.93
C THR B 356 11.66 37.37 -12.24
N GLU B 357 12.73 37.30 -13.03
CA GLU B 357 14.06 37.08 -12.47
C GLU B 357 14.58 38.35 -11.81
N THR B 358 15.06 39.30 -12.59
CA THR B 358 15.61 40.48 -11.95
C THR B 358 14.55 41.48 -11.51
N LYS B 359 13.32 41.02 -11.22
CA LYS B 359 12.19 41.90 -10.93
C LYS B 359 11.52 41.62 -9.60
N ILE B 360 11.63 40.38 -9.12
CA ILE B 360 11.29 39.99 -7.75
C ILE B 360 12.03 38.70 -7.42
N ARG B 361 12.73 38.70 -6.29
CA ARG B 361 13.58 37.62 -5.84
C ARG B 361 13.23 37.20 -4.42
N TYR B 362 13.87 36.12 -3.98
CA TYR B 362 13.79 35.74 -2.57
C TYR B 362 15.16 35.29 -2.09
N TYR B 363 15.51 35.74 -0.90
CA TYR B 363 16.74 35.33 -0.23
C TYR B 363 16.45 34.11 0.64
N HIS B 364 17.24 33.05 0.44
CA HIS B 364 17.03 31.74 1.06
C HIS B 364 18.26 31.41 1.90
N TYR B 365 18.18 31.64 3.21
CA TYR B 365 19.24 31.23 4.12
C TYR B 365 19.05 29.74 4.46
N HIS B 366 19.85 28.90 3.79
CA HIS B 366 19.66 27.45 3.81
C HIS B 366 20.15 26.87 5.13
N ASN B 367 19.35 25.99 5.71
CA ASN B 367 19.62 25.40 7.04
C ASN B 367 20.09 26.47 8.01
N SER B 368 19.21 27.45 8.23
CA SER B 368 19.45 28.43 9.26
C SER B 368 18.46 28.33 10.41
N ILE B 369 17.29 27.75 10.18
CA ILE B 369 16.25 27.82 11.20
C ILE B 369 16.46 26.74 12.25
N GLN B 370 16.91 25.54 11.85
CA GLN B 370 17.23 24.49 12.82
C GLN B 370 18.63 24.64 13.41
N VAL B 371 19.34 25.72 13.09
CA VAL B 371 20.69 25.90 13.63
C VAL B 371 20.59 26.44 15.05
N PRO B 372 21.09 25.71 16.05
CA PRO B 372 21.15 26.27 17.41
C PRO B 372 22.32 27.25 17.52
N GLY B 373 22.02 28.47 17.95
CA GLY B 373 23.07 29.41 18.28
C GLY B 373 23.52 30.25 17.09
N GLU B 374 24.70 30.83 17.26
CA GLU B 374 25.21 31.85 16.35
C GLU B 374 25.36 31.33 14.93
N LEU B 375 24.71 32.02 13.97
CA LEU B 375 24.79 31.58 12.58
C LEU B 375 26.18 31.78 12.02
N CYS B 376 26.87 32.85 12.43
CA CYS B 376 28.23 33.09 11.99
C CYS B 376 29.16 32.03 12.56
N ARG B 377 29.40 30.97 11.79
CA ARG B 377 30.16 29.83 12.27
C ARG B 377 31.49 29.70 11.54
N GLU B 378 31.90 30.76 10.86
CA GLU B 378 33.20 30.86 10.23
C GLU B 378 33.45 32.35 10.01
N PHE B 379 34.68 32.70 9.61
CA PHE B 379 35.05 34.10 9.48
C PHE B 379 36.00 34.27 8.30
N LEU B 380 35.52 34.96 7.26
CA LEU B 380 36.23 35.23 6.03
C LEU B 380 37.16 36.43 6.20
N PRO B 381 38.19 36.52 5.36
CA PRO B 381 39.02 37.73 5.37
C PRO B 381 38.27 38.93 4.81
N LEU B 382 38.73 40.12 5.20
CA LEU B 382 38.16 41.36 4.70
C LEU B 382 38.04 41.36 3.19
N SER B 383 39.01 40.72 2.52
CA SER B 383 39.10 40.76 1.05
C SER B 383 37.86 40.19 0.38
N ALA B 384 37.14 39.28 1.06
CA ALA B 384 36.00 38.60 0.45
C ALA B 384 34.98 39.57 -0.14
N LYS B 385 34.98 40.83 0.32
CA LYS B 385 33.98 41.79 -0.14
C LYS B 385 34.06 42.04 -1.64
N ASN B 386 35.25 41.96 -2.21
CA ASN B 386 35.41 42.22 -3.64
C ASN B 386 35.67 40.95 -4.44
N ASN B 387 36.54 40.09 -3.93
CA ASN B 387 36.90 38.86 -4.63
C ASN B 387 35.89 37.76 -4.36
N VAL B 388 35.80 36.83 -5.30
CA VAL B 388 34.96 35.64 -5.16
C VAL B 388 35.69 34.64 -4.27
N THR B 389 35.10 34.33 -3.11
CA THR B 389 35.64 33.37 -2.17
C THR B 389 34.96 32.02 -2.34
N TRP B 390 35.73 30.95 -2.09
CA TRP B 390 35.29 29.57 -2.31
C TRP B 390 35.14 28.86 -0.96
N TYR B 391 33.96 28.25 -0.72
CA TYR B 391 33.65 27.57 0.52
C TYR B 391 32.79 26.34 0.24
N ASN B 392 33.20 25.19 0.77
CA ASN B 392 32.51 23.91 0.55
C ASN B 392 32.43 23.58 -0.95
N GLY B 393 33.54 23.80 -1.66
CA GLY B 393 33.62 23.57 -3.09
C GLY B 393 32.86 24.56 -3.95
N LEU B 394 32.12 25.49 -3.34
CA LEU B 394 31.29 26.47 -4.01
C LEU B 394 31.87 27.86 -3.84
N PRO B 395 31.64 28.76 -4.81
CA PRO B 395 32.07 30.16 -4.67
C PRO B 395 31.00 31.10 -4.12
N TYR B 396 31.43 32.20 -3.51
CA TYR B 396 30.51 33.14 -2.93
C TYR B 396 31.02 34.56 -3.16
N VAL B 397 30.09 35.50 -3.10
CA VAL B 397 30.34 36.91 -3.32
C VAL B 397 29.70 37.69 -2.17
N TYR B 398 29.83 39.01 -2.25
CA TYR B 398 29.22 39.90 -1.27
C TYR B 398 27.84 40.33 -1.76
N ASP B 399 26.91 40.49 -0.82
CA ASP B 399 25.54 40.88 -1.13
C ASP B 399 24.96 41.50 0.14
N ASP B 400 24.97 42.83 0.21
CA ASP B 400 24.42 43.56 1.35
C ASP B 400 23.06 44.15 1.06
N ASN B 401 22.36 43.64 0.03
CA ASN B 401 21.01 44.12 -0.27
C ASN B 401 20.11 44.04 0.96
N MET B 402 20.16 42.91 1.68
CA MET B 402 19.36 42.77 2.90
C MET B 402 19.95 43.56 4.06
N LYS B 403 21.27 43.51 4.22
CA LYS B 403 21.92 44.37 5.21
C LYS B 403 21.48 45.83 5.07
N LYS B 404 21.39 46.33 3.83
CA LYS B 404 21.03 47.72 3.61
C LYS B 404 19.67 48.05 4.19
N LEU B 405 18.74 47.10 4.14
CA LEU B 405 17.35 47.30 4.59
C LEU B 405 17.19 47.10 6.09
N ALA B 406 18.26 46.72 6.80
CA ALA B 406 18.11 46.25 8.17
C ALA B 406 17.60 47.33 9.11
N SER B 407 18.10 48.57 8.97
CA SER B 407 17.70 49.63 9.89
C SER B 407 16.31 50.18 9.57
N THR B 408 15.86 50.07 8.32
CA THR B 408 14.46 50.35 8.01
C THR B 408 13.52 49.39 8.73
N ILE B 409 13.87 48.10 8.76
CA ILE B 409 13.03 47.10 9.40
C ILE B 409 12.98 47.32 10.91
N LYS B 410 14.15 47.37 11.56
CA LYS B 410 14.17 47.53 13.02
C LYS B 410 13.41 48.77 13.46
N ASP B 411 13.43 49.82 12.63
CA ASP B 411 12.66 51.02 12.91
C ASP B 411 11.17 50.82 12.66
N PHE B 412 10.82 50.10 11.58
CA PHE B 412 9.42 49.77 11.34
C PHE B 412 8.88 48.87 12.43
N GLU B 413 9.72 47.99 12.98
CA GLU B 413 9.26 47.13 14.07
C GLU B 413 8.73 47.99 15.22
N ARG B 414 9.44 49.07 15.57
CA ARG B 414 8.98 49.95 16.63
C ARG B 414 7.59 50.51 16.35
N ASN B 415 7.45 51.21 15.23
CA ASN B 415 6.20 51.92 14.92
C ASN B 415 5.02 50.99 14.68
N THR B 416 5.22 49.67 14.63
CA THR B 416 4.14 48.72 14.41
C THR B 416 3.79 47.86 15.62
N ILE B 417 4.79 47.39 16.37
CA ILE B 417 4.57 46.53 17.51
C ILE B 417 5.38 47.03 18.69
N GLY B 418 6.18 48.06 18.47
CA GLY B 418 7.07 48.51 19.51
C GLY B 418 8.33 47.68 19.59
N ASN B 419 8.98 47.79 20.75
CA ASN B 419 10.08 46.93 21.12
C ASN B 419 9.62 45.47 21.10
N VAL B 420 10.56 44.53 21.06
CA VAL B 420 10.23 43.14 21.40
C VAL B 420 10.62 42.84 22.83
N GLN B 421 11.53 43.62 23.41
CA GLN B 421 11.39 44.04 24.79
C GLN B 421 10.21 45.00 24.92
N ALA B 422 9.21 44.82 24.06
CA ALA B 422 7.84 45.25 24.34
C ALA B 422 6.86 44.11 24.07
N TYR B 423 7.34 42.86 23.93
CA TYR B 423 6.58 41.78 23.32
C TYR B 423 5.60 42.36 22.31
N SER B 424 4.34 42.45 22.72
CA SER B 424 3.27 43.28 22.15
C SER B 424 2.37 42.51 21.23
C1 NAG C . 7.47 -42.00 7.63
C2 NAG C . 6.67 -43.27 7.88
C3 NAG C . 7.29 -44.17 8.99
C4 NAG C . 8.81 -44.14 9.02
C5 NAG C . 9.31 -42.72 8.83
C6 NAG C . 10.81 -42.60 8.77
C7 NAG C . 4.23 -43.62 8.01
C8 NAG C . 2.92 -43.04 8.44
N2 NAG C . 5.32 -42.88 8.25
O3 NAG C . 6.90 -45.51 8.76
O4 NAG C . 9.27 -44.66 10.27
O5 NAG C . 8.80 -42.28 7.58
O6 NAG C . 11.38 -43.53 7.85
O7 NAG C . 4.31 -44.72 7.49
C1 NAG C . 10.22 -45.76 10.15
C2 NAG C . 10.94 -45.91 11.49
C3 NAG C . 11.93 -47.07 11.45
C4 NAG C . 11.25 -48.34 10.96
C5 NAG C . 10.55 -48.07 9.62
C6 NAG C . 9.81 -49.27 9.06
C7 NAG C . 11.37 -44.04 13.02
C8 NAG C . 12.16 -42.78 13.25
N2 NAG C . 11.61 -44.68 11.88
O3 NAG C . 12.48 -47.29 12.74
O4 NAG C . 12.21 -49.39 10.83
O5 NAG C . 9.60 -47.00 9.77
O6 NAG C . 8.51 -49.38 9.63
O7 NAG C . 10.55 -44.45 13.83
C1 NAG D . 10.22 -22.04 12.07
C2 NAG D . 9.74 -23.48 11.80
C3 NAG D . 10.68 -24.47 12.48
C4 NAG D . 12.13 -24.19 12.13
C5 NAG D . 12.47 -22.73 12.37
C6 NAG D . 13.86 -22.36 11.89
C7 NAG D . 7.35 -23.72 11.43
C8 NAG D . 6.01 -23.96 12.06
N2 NAG D . 8.38 -23.69 12.25
O3 NAG D . 10.33 -25.80 12.10
O4 NAG D . 12.96 -24.97 12.98
O5 NAG D . 11.56 -21.89 11.66
O6 NAG D . 13.91 -21.03 11.44
O7 NAG D . 7.46 -23.54 10.22
C1 NAG D . 13.85 -25.83 12.24
C2 NAG D . 14.85 -26.40 13.24
C3 NAG D . 15.76 -27.42 12.56
C4 NAG D . 14.92 -28.47 11.82
C5 NAG D . 13.91 -27.78 10.90
C6 NAG D . 12.94 -28.75 10.28
C7 NAG D . 15.17 -24.56 14.83
C8 NAG D . 16.10 -23.52 15.34
N2 NAG D . 15.63 -25.35 13.86
O3 NAG D . 16.58 -28.04 13.53
O4 NAG D . 15.80 -29.29 11.07
O5 NAG D . 13.12 -26.86 11.65
O6 NAG D . 12.50 -29.72 11.23
O7 NAG D . 14.02 -24.68 15.27
C1 BMA D . 15.59 -30.70 11.36
C2 BMA D . 16.48 -31.50 10.34
C3 BMA D . 16.55 -32.97 10.71
C4 BMA D . 16.65 -33.25 12.20
C5 BMA D . 15.66 -32.40 13.01
C6 BMA D . 15.77 -32.61 14.53
O2 BMA D . 17.80 -31.00 10.24
O3 BMA D . 17.62 -33.62 10.05
O4 BMA D . 16.41 -34.65 12.41
O5 BMA D . 15.92 -31.02 12.70
O6 BMA D . 17.14 -32.46 14.89
C1 MAN D . 17.16 -34.32 8.88
C2 MAN D . 18.19 -35.40 8.56
C3 MAN D . 19.49 -34.71 8.16
C4 MAN D . 19.25 -33.73 7.02
C5 MAN D . 18.20 -32.72 7.42
C6 MAN D . 17.82 -31.79 6.29
O2 MAN D . 17.83 -36.14 7.41
O3 MAN D . 20.40 -35.67 7.76
O4 MAN D . 20.43 -33.04 6.75
O5 MAN D . 17.01 -33.43 7.80
O6 MAN D . 17.46 -32.59 5.17
C1 MAN D . 17.09 -37.32 7.75
C2 MAN D . 17.44 -38.42 6.74
C3 MAN D . 17.13 -37.89 5.35
C4 MAN D . 15.66 -37.40 5.24
C5 MAN D . 15.28 -36.49 6.42
C6 MAN D . 13.79 -36.29 6.52
O2 MAN D . 16.56 -39.53 6.91
O3 MAN D . 17.38 -38.88 4.35
O4 MAN D . 15.53 -36.62 4.07
O5 MAN D . 15.73 -37.06 7.66
O6 MAN D . 13.55 -35.55 7.70
C1 MAN D . 17.13 -40.48 7.83
C2 MAN D . 16.41 -41.84 7.63
C3 MAN D . 14.96 -41.78 8.16
C4 MAN D . 14.87 -41.16 9.59
C5 MAN D . 15.67 -39.84 9.68
C6 MAN D . 15.81 -39.32 11.11
O2 MAN D . 17.05 -42.91 8.35
O3 MAN D . 14.30 -43.06 8.14
O4 MAN D . 13.51 -40.91 9.92
O5 MAN D . 17.02 -40.03 9.17
O6 MAN D . 15.98 -37.90 11.04
C1 MAN D . 17.41 -32.99 16.20
C2 MAN D . 18.15 -31.87 16.90
C3 MAN D . 19.42 -31.61 16.09
C4 MAN D . 20.32 -32.86 16.09
C5 MAN D . 19.53 -34.05 15.52
C6 MAN D . 20.30 -35.36 15.65
O2 MAN D . 18.57 -32.33 18.18
O3 MAN D . 20.13 -30.47 16.56
O4 MAN D . 21.47 -32.65 15.29
O5 MAN D . 18.21 -34.18 16.18
O6 MAN D . 20.75 -35.72 14.35
C2 NAG E . -8.82 44.82 -3.84
C3 NAG E . -10.22 44.85 -4.45
C4 NAG E . -10.14 44.95 -5.97
C5 NAG E . -9.77 43.59 -6.57
C6 NAG E . -10.20 43.43 -8.00
C7 NAG E . -8.87 44.32 -1.45
C8 NAG E . -8.82 43.25 -0.39
N2 NAG E . -8.78 43.91 -2.71
O3 NAG E . -10.96 45.93 -3.91
O4 NAG E . -11.40 45.39 -6.49
O5 NAG E . -8.35 43.41 -6.54
O6 NAG E . -9.19 43.85 -8.91
O7 NAG E . -9.01 45.49 -1.15
C1 NAG E . -11.27 46.64 -7.22
C2 NAG E . -12.64 46.97 -7.82
C3 NAG E . -12.59 48.30 -8.57
C4 NAG E . -12.00 49.40 -7.69
C5 NAG E . -10.65 48.96 -7.13
C6 NAG E . -10.05 49.96 -6.17
C7 NAG E . -14.06 45.04 -8.37
C8 NAG E . -14.39 44.00 -9.40
N2 NAG E . -13.10 45.91 -8.70
O3 NAG E . -13.91 48.67 -8.98
O4 NAG E . -11.83 50.60 -8.45
O5 NAG E . -10.82 47.73 -6.41
O6 NAG E . -10.76 50.02 -4.94
O7 NAG E . -14.62 45.08 -7.28
C1 NAG F . -13.74 23.13 -8.75
C2 NAG F . -13.28 24.50 -8.23
C3 NAG F . -14.10 25.60 -8.90
C4 NAG F . -14.04 25.49 -10.41
C5 NAG F . -14.40 24.07 -10.86
C6 NAG F . -14.18 23.85 -12.34
C7 NAG F . -12.35 24.86 -5.98
C8 NAG F . -12.66 24.92 -4.51
N2 NAG F . -13.39 24.58 -6.78
O3 NAG F . -13.60 26.87 -8.47
O4 NAG F . -14.95 26.41 -10.99
O5 NAG F . -13.59 23.10 -10.18
O6 NAG F . -13.10 22.97 -12.59
O7 NAG F . -11.22 25.05 -6.42
C1 NAG F . -14.28 27.35 -11.87
C2 NAG F . -15.38 28.09 -12.64
C3 NAG F . -14.77 29.13 -13.58
C4 NAG F . -13.83 30.07 -12.82
C5 NAG F . -12.80 29.26 -12.02
C6 NAG F . -11.93 30.12 -11.13
C7 NAG F . -17.29 26.55 -12.82
C8 NAG F . -18.03 25.60 -13.72
N2 NAG F . -16.22 27.16 -13.36
O3 NAG F . -15.81 29.87 -14.20
O4 NAG F . -13.16 30.92 -13.75
O5 NAG F . -13.44 28.29 -11.19
O6 NAG F . -12.57 30.37 -9.88
O7 NAG F . -17.64 26.78 -11.67
C1 BMA F . -13.29 32.33 -13.40
C2 BMA F . -12.31 33.14 -14.31
C3 BMA F . -12.53 34.66 -14.18
C4 BMA F . -14.02 35.07 -14.11
C5 BMA F . -14.80 34.18 -13.11
C6 BMA F . -16.28 34.52 -13.08
O2 BMA F . -12.47 32.80 -15.69
O3 BMA F . -11.92 35.36 -15.26
O4 BMA F . -14.13 36.45 -13.73
O5 BMA F . -14.65 32.80 -13.53
O6 BMA F . -16.79 34.32 -14.38
C1 MAN F . -10.61 35.86 -14.89
C2 MAN F . -10.26 37.00 -15.89
C3 MAN F . -9.92 36.41 -17.25
C4 MAN F . -8.84 35.32 -17.13
C5 MAN F . -9.32 34.23 -16.17
C6 MAN F . -8.29 33.10 -15.98
O2 MAN F . -9.07 37.69 -15.50
O3 MAN F . -9.51 37.42 -18.17
O4 MAN F . -8.58 34.73 -18.40
O5 MAN F . -9.61 34.83 -14.87
O6 MAN F . -7.02 33.66 -15.71
C1 MAN F . -9.37 38.74 -14.58
C2 MAN F . -8.44 39.90 -14.92
C3 MAN F . -7.00 39.36 -14.83
C4 MAN F . -6.74 38.75 -13.43
C5 MAN F . -7.84 37.73 -13.05
C6 MAN F . -7.77 37.29 -11.59
O2 MAN F . -8.54 40.94 -13.94
O3 MAN F . -6.02 40.35 -15.15
O4 MAN F . -5.47 38.11 -13.42
O5 MAN F . -9.16 38.31 -13.27
O6 MAN F . -9.06 36.84 -11.20
C1 MAN F . -9.43 41.98 -14.42
C2 MAN F . -9.11 43.29 -13.60
C3 MAN F . -9.78 43.26 -12.23
C4 MAN F . -11.27 42.91 -12.36
C5 MAN F . -11.37 41.51 -12.97
C6 MAN F . -12.79 40.98 -13.09
O2 MAN F . -9.61 44.45 -14.25
O3 MAN F . -9.61 44.47 -11.51
O4 MAN F . -11.91 42.95 -11.09
O5 MAN F . -10.81 41.57 -14.31
O6 MAN F . -12.75 39.55 -13.06
C1 MAN F . -17.86 35.27 -14.64
C2 MAN F . -18.93 34.52 -15.44
C3 MAN F . -18.38 34.16 -16.83
C4 MAN F . -17.79 35.39 -17.56
C5 MAN F . -16.79 36.14 -16.66
C6 MAN F . -16.35 37.46 -17.25
O2 MAN F . -20.08 35.35 -15.66
O3 MAN F . -19.36 33.51 -17.65
O4 MAN F . -17.14 34.98 -18.76
O5 MAN F . -17.38 36.40 -15.36
O6 MAN F . -15.26 37.97 -16.46
MN MN G . -4.47 -26.29 -16.25
C1 NAG H . 3.40 -20.91 34.87
C2 NAG H . 4.10 -20.33 36.09
C3 NAG H . 5.60 -20.32 35.85
C4 NAG H . 6.08 -21.72 35.47
C5 NAG H . 5.22 -22.29 34.32
C6 NAG H . 5.53 -23.73 33.98
C7 NAG H . 3.12 -18.68 37.62
C8 NAG H . 2.63 -17.26 37.79
N2 NAG H . 3.61 -19.00 36.42
O3 NAG H . 6.27 -19.86 37.02
O4 NAG H . 7.43 -21.65 35.04
O5 NAG H . 3.84 -22.22 34.65
O6 NAG H . 4.90 -24.63 34.87
O7 NAG H . 3.05 -19.49 38.55
C1 NAG I . -19.37 -20.46 -15.16
C2 NAG I . -18.35 -19.41 -15.56
C3 NAG I . -18.96 -18.02 -15.45
C4 NAG I . -20.25 -17.94 -16.25
C5 NAG I . -21.19 -19.09 -15.91
C6 NAG I . -22.38 -19.18 -16.84
C7 NAG I . -15.91 -19.45 -15.26
C8 NAG I . -14.78 -19.57 -14.28
N2 NAG I . -17.14 -19.50 -14.74
O3 NAG I . -18.04 -17.05 -15.94
O4 NAG I . -20.91 -16.71 -15.98
O5 NAG I . -20.51 -20.35 -16.01
O6 NAG I . -22.71 -20.52 -17.13
O7 NAG I . -15.71 -19.33 -16.47
C1 NAG J . 21.98 -36.13 2.14
C2 NAG J . 23.29 -36.16 1.34
C3 NAG J . 24.36 -35.33 2.03
C4 NAG J . 23.86 -33.91 2.26
C5 NAG J . 22.56 -33.92 3.06
C6 NAG J . 21.94 -32.56 3.18
C7 NAG J . 23.83 -38.09 -0.08
C8 NAG J . 24.30 -39.50 -0.12
N2 NAG J . 23.73 -37.53 1.13
O3 NAG J . 25.52 -35.29 1.22
O4 NAG J . 24.84 -33.14 2.95
O5 NAG J . 21.59 -34.75 2.40
O6 NAG J . 20.99 -32.48 4.24
O7 NAG J . 23.53 -37.47 -1.10
C1 NAG K . -14.36 -38.49 -39.24
C2 NAG K . -14.32 -37.31 -40.23
C3 NAG K . -15.66 -37.17 -40.95
C4 NAG K . -16.10 -38.50 -41.55
C5 NAG K . -16.09 -39.58 -40.47
C6 NAG K . -16.46 -40.95 -40.99
C7 NAG K . -14.64 -35.49 -38.58
C8 NAG K . -14.07 -34.19 -38.07
N2 NAG K . -13.95 -36.06 -39.59
O3 NAG K . -15.55 -36.19 -41.97
O4 NAG K . -17.40 -38.39 -42.11
O5 NAG K . -14.79 -39.68 -39.90
O6 NAG K . -15.37 -41.86 -40.88
O7 NAG K . -15.64 -35.99 -38.09
MN MN L . 15.00 26.15 3.40
C1 NAG M . -35.55 22.84 -1.03
C2 NAG M . -36.90 22.34 -1.56
C3 NAG M . -36.84 22.14 -3.07
C4 NAG M . -36.33 23.39 -3.76
C5 NAG M . -35.01 23.85 -3.14
C6 NAG M . -34.51 25.16 -3.70
C7 NAG M . -38.47 20.94 -0.28
C8 NAG M . -38.72 19.59 0.34
N2 NAG M . -37.29 21.10 -0.89
O3 NAG M . -38.13 21.80 -3.56
O4 NAG M . -36.12 23.14 -5.15
O5 NAG M . -35.18 24.04 -1.73
O6 NAG M . -34.34 26.15 -2.70
O7 NAG M . -39.31 21.84 -0.22
C1 NAG N . 15.78 18.43 18.12
C2 NAG N . 15.87 17.30 17.10
C3 NAG N . 15.57 15.96 17.77
C4 NAG N . 16.49 15.76 18.98
C5 NAG N . 16.45 16.97 19.92
C6 NAG N . 17.47 16.90 21.02
C7 NAG N . 15.37 17.71 14.72
C8 NAG N . 14.30 17.90 13.69
N2 NAG N . 14.96 17.52 15.97
O3 NAG N . 15.73 14.90 16.85
O4 NAG N . 16.09 14.60 19.70
O5 NAG N . 16.71 18.18 19.18
O6 NAG N . 18.54 17.82 20.81
O7 NAG N . 16.57 17.73 14.43
C1 NAG O . -4.16 37.92 -20.27
C2 NAG O . -3.56 38.02 -21.67
C3 NAG O . -4.45 37.29 -22.69
C4 NAG O . -4.72 35.86 -22.23
C5 NAG O . -5.31 35.87 -20.82
C6 NAG O . -5.52 34.48 -20.26
C7 NAG O . -2.14 39.95 -22.17
C8 NAG O . -2.10 41.39 -22.59
N2 NAG O . -3.35 39.39 -22.07
O3 NAG O . -3.81 37.28 -23.95
O4 NAG O . -5.64 35.24 -23.12
O5 NAG O . -4.41 36.54 -19.92
O6 NAG O . -6.38 34.49 -19.13
O7 NAG O . -1.11 39.31 -21.93
C1 NAG P . 40.37 36.46 12.36
C2 NAG P . 41.40 35.36 12.08
C3 NAG P . 42.11 34.95 13.38
C4 NAG P . 42.67 36.17 14.09
C5 NAG P . 41.60 37.24 14.28
C6 NAG P . 42.11 38.52 14.89
C7 NAG P . 39.82 33.44 11.97
C8 NAG P . 39.35 32.29 11.12
N2 NAG P . 40.80 34.20 11.44
O3 NAG P . 43.17 34.05 13.07
O4 NAG P . 43.18 35.81 15.37
O5 NAG P . 41.02 37.58 13.00
O6 NAG P . 41.73 39.68 14.16
O7 NAG P . 39.35 33.67 13.08
#